data_4DFU
#
_entry.id   4DFU
#
_cell.length_a   43.141
_cell.length_b   101.814
_cell.length_c   70.249
_cell.angle_alpha   90.00
_cell.angle_beta   96.86
_cell.angle_gamma   90.00
#
_symmetry.space_group_name_H-M   'P 1 21 1'
#
loop_
_entity.id
_entity.type
_entity.pdbx_description
1 polymer APH(2")-Id
2 non-polymer 'KANAMYCIN A'
3 non-polymer "3,5,7,3',4'-PENTAHYDROXYFLAVONE"
4 non-polymer 'CHLORIDE ION'
5 water water
#
_entity_poly.entity_id   1
_entity_poly.type   'polypeptide(L)'
_entity_poly.pdbx_seq_one_letter_code
;(MSE)GSSHHHHHHSSGRENLYFQG(MSE)RTYTFDQVEKAIEQLYPDFTINTIEISGEGNDCIAYEINRDFIFKFPKHS
RGSTNLFNEVNILKRIHNKLPLPIPEVVFTG(MSE)PSETYQ(MSE)SFAGFTKIKGVPLTPLLLNNLPKQSQNQAAKDL
ARFLSELHSINISGFKSNLVLDFREKINEDNKKIKKLLSRELKGPQ(MSE)KKVDDFYRDILENEIYFKYYPCLIHNDFS
SDHILFDTEKNTICGIIDFGDAAISDPDNDFISL(MSE)EDDEEYG(MSE)EFVSKILNHYKHKDIPTVLEKYR(MSE)K
EKYWSFEKIIYGKEYGY(MSE)DWYEEGLNEIRSIKIK
;
_entity_poly.pdbx_strand_id   A,B
#
loop_
_chem_comp.id
_chem_comp.type
_chem_comp.name
_chem_comp.formula
CL non-polymer 'CHLORIDE ION' 'Cl -1'
KAN non-polymer 'KANAMYCIN A' 'C18 H36 N4 O11'
QUE non-polymer 3,5,7,3',4'-PENTAHYDROXYFLAVONE 'C15 H10 O7'
#
# COMPACT_ATOMS: atom_id res chain seq x y z
N THR A 24 19.70 5.56 -8.01
CA THR A 24 19.90 6.00 -9.39
C THR A 24 20.33 4.81 -10.29
N TYR A 25 20.18 4.96 -11.61
CA TYR A 25 20.34 3.85 -12.56
C TYR A 25 21.29 4.20 -13.69
N THR A 26 22.03 3.21 -14.19
CA THR A 26 22.75 3.40 -15.44
C THR A 26 21.87 2.98 -16.62
N PHE A 27 22.21 3.48 -17.80
CA PHE A 27 21.53 3.06 -19.02
C PHE A 27 21.67 1.56 -19.23
N ASP A 28 22.84 1.02 -18.87
CA ASP A 28 23.07 -0.41 -18.94
C ASP A 28 22.06 -1.16 -18.07
N GLN A 29 21.80 -0.61 -16.88
CA GLN A 29 20.86 -1.23 -15.93
C GLN A 29 19.43 -1.18 -16.44
N VAL A 30 19.03 -0.03 -16.97
CA VAL A 30 17.68 0.13 -17.50
C VAL A 30 17.43 -0.87 -18.62
N GLU A 31 18.32 -0.85 -19.60
CA GLU A 31 18.22 -1.68 -20.79
C GLU A 31 18.16 -3.16 -20.39
N LYS A 32 19.06 -3.54 -19.49
CA LYS A 32 19.09 -4.90 -18.97
C LYS A 32 17.78 -5.30 -18.28
N ALA A 33 17.26 -4.39 -17.44
CA ALA A 33 15.99 -4.59 -16.75
C ALA A 33 14.84 -4.86 -17.72
N ILE A 34 14.74 -4.03 -18.75
CA ILE A 34 13.70 -4.17 -19.76
C ILE A 34 13.90 -5.42 -20.62
N GLU A 35 15.14 -5.69 -21.01
CA GLU A 35 15.45 -6.83 -21.87
C GLU A 35 14.97 -8.13 -21.23
N GLN A 36 15.04 -8.19 -19.90
CA GLN A 36 14.69 -9.39 -19.17
C GLN A 36 13.24 -9.78 -19.40
N LEU A 37 12.36 -8.79 -19.46
CA LEU A 37 10.93 -9.05 -19.54
C LEU A 37 10.38 -8.85 -20.94
N TYR A 38 11.14 -8.13 -21.76
CA TYR A 38 10.74 -7.84 -23.13
C TYR A 38 11.92 -8.10 -24.08
N PRO A 39 12.32 -9.39 -24.18
CA PRO A 39 13.50 -9.76 -24.96
C PRO A 39 13.34 -9.41 -26.44
N ASP A 40 12.11 -9.35 -26.95
CA ASP A 40 11.92 -9.00 -28.36
C ASP A 40 11.93 -7.50 -28.63
N PHE A 41 11.88 -6.70 -27.56
CA PHE A 41 11.87 -5.25 -27.68
C PHE A 41 13.27 -4.69 -27.94
N THR A 42 13.50 -4.16 -29.13
CA THR A 42 14.81 -3.63 -29.45
C THR A 42 14.98 -2.17 -29.02
N ILE A 43 15.99 -1.93 -28.22
CA ILE A 43 16.23 -0.58 -27.74
C ILE A 43 17.32 0.06 -28.57
N ASN A 44 16.95 1.13 -29.27
CA ASN A 44 17.90 1.83 -30.12
C ASN A 44 18.46 3.07 -29.46
N THR A 45 17.58 3.82 -28.79
CA THR A 45 18.01 5.04 -28.14
C THR A 45 17.40 5.14 -26.74
N ILE A 46 18.14 5.77 -25.85
CA ILE A 46 17.66 5.95 -24.49
C ILE A 46 18.34 7.20 -24.00
N GLU A 47 17.53 8.16 -23.56
CA GLU A 47 18.03 9.37 -22.92
C GLU A 47 17.16 9.69 -21.72
N ILE A 48 17.74 10.36 -20.72
CA ILE A 48 16.97 10.80 -19.58
C ILE A 48 15.94 11.78 -20.11
N SER A 49 14.70 11.62 -19.65
CA SER A 49 13.59 12.43 -20.11
C SER A 49 13.18 13.45 -19.06
N GLY A 50 13.15 12.99 -17.82
CA GLY A 50 12.76 13.84 -16.72
C GLY A 50 13.13 13.17 -15.42
N GLU A 51 12.87 13.88 -14.32
CA GLU A 51 13.17 13.36 -13.01
C GLU A 51 12.22 13.98 -11.99
N GLY A 52 11.58 13.13 -11.18
CA GLY A 52 10.74 13.61 -10.10
C GLY A 52 11.27 13.16 -8.76
N ASN A 53 10.47 13.35 -7.72
CA ASN A 53 10.83 12.88 -6.40
C ASN A 53 10.71 11.37 -6.29
N ASP A 54 9.88 10.79 -7.15
CA ASP A 54 9.53 9.38 -7.05
C ASP A 54 10.25 8.53 -8.08
N CYS A 55 10.33 9.03 -9.31
CA CYS A 55 10.84 8.25 -10.42
C CYS A 55 11.78 9.06 -11.32
N ILE A 56 12.70 8.38 -11.97
CA ILE A 56 13.39 9.02 -13.09
C ILE A 56 12.72 8.47 -14.35
N ALA A 57 12.60 9.34 -15.35
CA ALA A 57 11.98 8.97 -16.61
C ALA A 57 13.02 8.88 -17.72
N TYR A 58 12.89 7.84 -18.55
CA TYR A 58 13.73 7.65 -19.74
C TYR A 58 12.88 7.64 -21.00
N GLU A 59 13.34 8.35 -22.03
CA GLU A 59 12.67 8.26 -23.31
C GLU A 59 13.41 7.22 -24.11
N ILE A 60 12.66 6.24 -24.59
CA ILE A 60 13.27 5.11 -25.27
C ILE A 60 12.70 4.97 -26.68
N ASN A 61 13.60 4.84 -27.65
CA ASN A 61 13.25 4.84 -29.07
C ASN A 61 12.39 6.02 -29.52
N ARG A 62 12.45 7.11 -28.75
CA ARG A 62 11.58 8.28 -28.96
C ARG A 62 10.09 7.96 -29.05
N ASP A 63 9.71 6.77 -28.59
CA ASP A 63 8.33 6.31 -28.63
C ASP A 63 7.71 6.11 -27.25
N PHE A 64 8.54 5.91 -26.25
CA PHE A 64 8.05 5.53 -24.94
C PHE A 64 8.70 6.31 -23.81
N ILE A 65 7.94 6.54 -22.73
CA ILE A 65 8.53 7.03 -21.50
C ILE A 65 8.58 5.88 -20.50
N PHE A 66 9.80 5.52 -20.09
CA PHE A 66 9.99 4.48 -19.09
C PHE A 66 10.30 5.12 -17.74
N LYS A 67 9.53 4.72 -16.73
CA LYS A 67 9.76 5.21 -15.37
C LYS A 67 10.40 4.15 -14.49
N PHE A 68 11.48 4.54 -13.82
CA PHE A 68 12.15 3.68 -12.86
C PHE A 68 12.08 4.36 -11.50
N PRO A 69 11.70 3.61 -10.48
CA PRO A 69 11.54 4.24 -9.16
C PRO A 69 12.89 4.55 -8.56
N LYS A 70 13.00 5.70 -7.92
CA LYS A 70 14.24 6.09 -7.25
C LYS A 70 14.31 5.49 -5.86
N HIS A 71 13.18 4.99 -5.39
CA HIS A 71 13.13 4.32 -4.10
C HIS A 71 11.85 3.50 -3.91
N SER A 72 11.75 2.79 -2.79
CA SER A 72 10.59 1.92 -2.56
C SER A 72 9.29 2.72 -2.59
N ARG A 73 9.32 3.87 -1.93
CA ARG A 73 8.15 4.70 -1.81
C ARG A 73 7.70 5.19 -3.19
N GLY A 74 8.66 5.68 -3.98
CA GLY A 74 8.39 6.05 -5.36
C GLY A 74 7.80 4.90 -6.18
N SER A 75 8.22 3.68 -5.89
CA SER A 75 7.74 2.53 -6.64
C SER A 75 6.25 2.26 -6.43
N THR A 76 5.71 2.67 -5.27
CA THR A 76 4.29 2.49 -5.01
C THR A 76 3.46 3.53 -5.76
N ASN A 77 4.00 4.73 -5.92
CA ASN A 77 3.39 5.68 -6.84
C ASN A 77 3.38 5.16 -8.28
N LEU A 78 4.48 4.57 -8.73
CA LEU A 78 4.54 3.95 -10.05
C LEU A 78 3.51 2.85 -10.20
N PHE A 79 3.45 1.97 -9.22
CA PHE A 79 2.50 0.88 -9.21
C PHE A 79 1.07 1.41 -9.28
N ASN A 80 0.82 2.50 -8.56
CA ASN A 80 -0.48 3.14 -8.54
C ASN A 80 -0.86 3.71 -9.89
N GLU A 81 0.08 4.38 -10.53
CA GLU A 81 -0.16 5.02 -11.83
C GLU A 81 -0.59 3.97 -12.86
N VAL A 82 0.17 2.88 -12.92
CA VAL A 82 -0.12 1.80 -13.84
C VAL A 82 -1.51 1.22 -13.64
N ASN A 83 -1.89 0.96 -12.39
N ASN A 83 -1.84 0.99 -12.37
CA ASN A 83 -3.22 0.42 -12.13
CA ASN A 83 -3.13 0.45 -11.95
C ASN A 83 -4.35 1.35 -12.50
C ASN A 83 -4.30 1.33 -12.43
N ILE A 84 -4.18 2.62 -12.16
CA ILE A 84 -5.22 3.60 -12.44
C ILE A 84 -5.37 3.84 -13.94
N LEU A 85 -4.24 3.98 -14.63
CA LEU A 85 -4.25 4.21 -16.08
C LEU A 85 -4.90 3.05 -16.83
N LYS A 86 -4.63 1.82 -16.40
CA LYS A 86 -5.28 0.64 -16.96
CA LYS A 86 -5.28 0.65 -16.96
C LYS A 86 -6.80 0.72 -16.79
N ARG A 87 -7.25 1.17 -15.62
CA ARG A 87 -8.67 1.23 -15.31
C ARG A 87 -9.47 2.28 -16.08
N ILE A 88 -8.82 3.39 -16.40
CA ILE A 88 -9.54 4.53 -16.93
C ILE A 88 -9.19 4.73 -18.39
N HIS A 89 -8.46 3.76 -18.93
CA HIS A 89 -8.10 3.79 -20.34
C HIS A 89 -9.35 3.91 -21.21
N ASN A 90 -9.24 4.75 -22.22
CA ASN A 90 -10.37 5.20 -23.04
C ASN A 90 -11.67 5.52 -22.29
N LYS A 91 -11.54 6.26 -21.20
CA LYS A 91 -12.71 6.82 -20.54
C LYS A 91 -12.61 8.33 -20.49
N LEU A 92 -11.47 8.84 -20.95
CA LEU A 92 -11.18 10.26 -20.82
C LEU A 92 -11.16 11.00 -22.15
N PRO A 93 -11.61 12.26 -22.13
CA PRO A 93 -11.75 13.10 -23.33
C PRO A 93 -10.43 13.74 -23.75
N LEU A 94 -9.36 13.52 -23.00
CA LEU A 94 -8.03 13.94 -23.42
C LEU A 94 -7.06 12.77 -23.37
N PRO A 95 -6.03 12.80 -24.24
CA PRO A 95 -5.02 11.73 -24.24
C PRO A 95 -4.34 11.58 -22.89
N ILE A 96 -4.17 10.34 -22.43
CA ILE A 96 -3.41 10.07 -21.21
C ILE A 96 -2.40 8.96 -21.53
N PRO A 97 -1.32 8.84 -20.72
CA PRO A 97 -0.34 7.79 -21.02
C PRO A 97 -0.99 6.42 -21.02
N GLU A 98 -0.55 5.58 -21.94
CA GLU A 98 -1.02 4.22 -22.01
C GLU A 98 0.11 3.28 -21.56
N VAL A 99 -0.21 2.35 -20.68
CA VAL A 99 0.79 1.39 -20.24
C VAL A 99 1.09 0.41 -21.37
N VAL A 100 2.36 0.25 -21.72
CA VAL A 100 2.72 -0.74 -22.72
C VAL A 100 3.67 -1.78 -22.16
N PHE A 101 4.47 -1.36 -21.17
CA PHE A 101 5.47 -2.24 -20.55
C PHE A 101 5.34 -2.15 -19.04
N THR A 102 5.42 -3.28 -18.35
CA THR A 102 5.47 -3.25 -16.88
C THR A 102 6.62 -4.09 -16.32
N GLY A 103 7.15 -3.65 -15.18
CA GLY A 103 8.21 -4.38 -14.52
C GLY A 103 7.66 -5.44 -13.58
N MSE A 104 8.48 -5.81 -12.60
N MSE A 104 8.47 -5.85 -12.61
CA MSE A 104 8.13 -6.85 -11.64
CA MSE A 104 8.05 -6.86 -11.66
C MSE A 104 8.31 -6.37 -10.20
C MSE A 104 8.32 -6.42 -10.22
O MSE A 104 9.10 -5.45 -9.94
O MSE A 104 9.19 -5.58 -9.99
CB MSE A 104 9.01 -8.07 -11.90
CB MSE A 104 8.72 -8.20 -11.96
CG MSE A 104 8.64 -8.86 -13.16
CG MSE A 104 7.91 -9.06 -12.94
SE MSE A 104 7.38 -10.33 -12.81
SE MSE A 104 8.74 -10.79 -13.36
CE MSE A 104 5.75 -9.34 -12.74
CE MSE A 104 10.62 -10.28 -13.20
N PRO A 105 7.56 -6.97 -9.26
CA PRO A 105 7.72 -6.62 -7.85
C PRO A 105 8.97 -7.26 -7.28
N SER A 106 9.59 -6.58 -6.31
CA SER A 106 10.70 -7.14 -5.57
C SER A 106 10.40 -6.94 -4.09
N GLU A 107 11.36 -7.27 -3.24
CA GLU A 107 11.27 -6.96 -1.82
C GLU A 107 11.57 -5.47 -1.61
N THR A 108 12.07 -4.82 -2.66
CA THR A 108 12.43 -3.41 -2.61
C THR A 108 11.42 -2.52 -3.33
N TYR A 109 10.94 -2.97 -4.49
CA TYR A 109 10.01 -2.19 -5.30
C TYR A 109 8.70 -2.92 -5.55
N GLN A 110 7.60 -2.19 -5.43
CA GLN A 110 6.30 -2.74 -5.75
C GLN A 110 6.22 -2.97 -7.26
N MSE A 111 7.00 -2.16 -7.98
CA MSE A 111 7.09 -2.29 -9.41
C MSE A 111 8.45 -1.77 -9.88
O MSE A 111 8.80 -0.63 -9.60
CB MSE A 111 6.00 -1.46 -10.05
CG MSE A 111 6.36 -1.18 -11.45
SE MSE A 111 5.37 -2.44 -12.48
CE MSE A 111 4.15 -1.19 -12.90
N SER A 112 9.17 -2.60 -10.63
CA SER A 112 10.57 -2.31 -10.95
C SER A 112 10.71 -1.21 -11.99
N PHE A 113 9.71 -1.11 -12.87
CA PHE A 113 9.62 -0.04 -13.85
C PHE A 113 8.28 -0.14 -14.58
N ALA A 114 8.01 0.86 -15.43
CA ALA A 114 6.90 0.80 -16.36
C ALA A 114 7.20 1.66 -17.60
N GLY A 115 6.73 1.22 -18.76
CA GLY A 115 6.91 1.95 -20.01
C GLY A 115 5.56 2.38 -20.56
N PHE A 116 5.42 3.69 -20.77
CA PHE A 116 4.17 4.29 -21.21
C PHE A 116 4.38 4.81 -22.62
N THR A 117 3.31 4.93 -23.39
CA THR A 117 3.37 5.65 -24.65
C THR A 117 3.84 7.07 -24.39
N LYS A 118 4.68 7.59 -25.26
CA LYS A 118 5.04 8.99 -25.12
C LYS A 118 3.96 9.86 -25.73
N ILE A 119 3.54 10.87 -24.98
CA ILE A 119 2.61 11.87 -25.48
C ILE A 119 3.44 13.10 -25.91
N LYS A 120 3.47 13.41 -27.21
CA LYS A 120 4.26 14.56 -27.67
C LYS A 120 3.54 15.85 -27.27
N GLY A 121 4.30 16.90 -27.02
CA GLY A 121 3.74 18.16 -26.54
C GLY A 121 4.61 18.84 -25.51
N VAL A 122 4.24 20.07 -25.15
CA VAL A 122 4.99 20.82 -24.15
C VAL A 122 4.08 21.15 -22.97
N PRO A 123 4.67 21.41 -21.78
CA PRO A 123 3.79 21.70 -20.65
C PRO A 123 3.13 23.07 -20.78
N LEU A 124 1.86 23.17 -20.41
CA LEU A 124 1.14 24.43 -20.42
C LEU A 124 1.52 25.27 -19.20
N THR A 125 2.67 25.94 -19.29
CA THR A 125 3.15 26.79 -18.21
C THR A 125 2.21 27.97 -17.99
N PRO A 126 2.25 28.57 -16.79
CA PRO A 126 1.53 29.82 -16.57
C PRO A 126 1.90 30.83 -17.66
N LEU A 127 3.19 30.95 -17.98
CA LEU A 127 3.69 31.82 -19.03
C LEU A 127 2.99 31.55 -20.36
N LEU A 128 3.00 30.29 -20.78
CA LEU A 128 2.44 29.91 -22.07
C LEU A 128 0.95 30.21 -22.13
N LEU A 129 0.24 29.85 -21.06
CA LEU A 129 -1.21 30.06 -20.98
C LEU A 129 -1.59 31.52 -21.17
N ASN A 130 -0.90 32.41 -20.44
CA ASN A 130 -1.25 33.82 -20.47
C ASN A 130 -0.90 34.53 -21.77
N ASN A 131 -0.17 33.84 -22.65
CA ASN A 131 0.19 34.38 -23.95
C ASN A 131 -0.71 33.89 -25.06
N LEU A 132 -1.74 33.13 -24.69
CA LEU A 132 -2.63 32.54 -25.68
C LEU A 132 -3.80 33.48 -25.98
N PRO A 133 -4.35 33.38 -27.21
CA PRO A 133 -5.57 34.12 -27.55
C PRO A 133 -6.60 33.89 -26.45
N LYS A 134 -7.28 34.95 -25.99
CA LYS A 134 -8.25 34.83 -24.89
C LYS A 134 -9.19 33.65 -25.10
N GLN A 135 -9.53 33.39 -26.37
CA GLN A 135 -10.33 32.22 -26.72
C GLN A 135 -9.62 30.89 -26.43
N SER A 136 -8.32 30.81 -26.72
CA SER A 136 -7.55 29.59 -26.47
C SER A 136 -7.49 29.31 -24.96
N GLN A 137 -7.27 30.36 -24.18
CA GLN A 137 -7.27 30.22 -22.73
C GLN A 137 -8.62 29.68 -22.25
N ASN A 138 -9.69 30.30 -22.73
CA ASN A 138 -11.03 29.86 -22.37
C ASN A 138 -11.34 28.42 -22.80
N GLN A 139 -10.89 28.05 -23.99
CA GLN A 139 -11.07 26.68 -24.44
C GLN A 139 -10.25 25.70 -23.59
N ALA A 140 -9.05 26.12 -23.20
CA ALA A 140 -8.19 25.32 -22.34
C ALA A 140 -8.92 25.07 -21.03
N ALA A 141 -9.56 26.12 -20.53
CA ALA A 141 -10.35 26.01 -19.31
C ALA A 141 -11.53 25.06 -19.47
N LYS A 142 -12.10 25.02 -20.68
CA LYS A 142 -13.24 24.15 -20.98
C LYS A 142 -12.81 22.70 -21.09
N ASP A 143 -11.69 22.48 -21.77
CA ASP A 143 -11.14 21.14 -21.94
C ASP A 143 -10.71 20.55 -20.60
N LEU A 144 -10.12 21.36 -19.73
CA LEU A 144 -9.70 20.88 -18.42
C LEU A 144 -10.92 20.57 -17.56
N ALA A 145 -11.94 21.42 -17.67
CA ALA A 145 -13.18 21.22 -16.93
C ALA A 145 -13.86 19.90 -17.27
N ARG A 146 -13.99 19.60 -18.55
CA ARG A 146 -14.69 18.40 -18.96
C ARG A 146 -13.82 17.17 -18.75
N PHE A 147 -12.51 17.34 -18.85
CA PHE A 147 -11.60 16.24 -18.47
C PHE A 147 -11.85 15.88 -17.01
N LEU A 148 -11.78 16.88 -16.14
CA LEU A 148 -12.01 16.70 -14.72
C LEU A 148 -13.41 16.15 -14.44
N SER A 149 -14.40 16.67 -15.19
CA SER A 149 -15.78 16.22 -15.04
C SER A 149 -15.94 14.72 -15.28
N GLU A 150 -15.34 14.23 -16.36
CA GLU A 150 -15.42 12.81 -16.69
C GLU A 150 -14.56 11.95 -15.77
N LEU A 151 -13.37 12.43 -15.45
CA LEU A 151 -12.50 11.72 -14.52
C LEU A 151 -13.21 11.55 -13.16
N HIS A 152 -13.77 12.63 -12.63
CA HIS A 152 -14.48 12.63 -11.36
C HIS A 152 -15.78 11.86 -11.41
N SER A 153 -16.18 11.46 -12.62
CA SER A 153 -17.41 10.71 -12.83
C SER A 153 -17.15 9.21 -12.90
N ILE A 154 -15.88 8.83 -13.08
CA ILE A 154 -15.56 7.42 -13.25
C ILE A 154 -16.00 6.57 -12.06
N ASN A 155 -16.64 5.44 -12.37
CA ASN A 155 -17.17 4.52 -11.37
C ASN A 155 -16.05 3.82 -10.60
N ILE A 156 -16.08 3.98 -9.27
CA ILE A 156 -14.98 3.61 -8.41
C ILE A 156 -15.15 2.28 -7.67
N SER A 157 -16.30 1.64 -7.84
CA SER A 157 -16.52 0.35 -7.23
C SER A 157 -15.78 -0.70 -8.03
N GLY A 158 -15.08 -1.60 -7.34
CA GLY A 158 -14.20 -2.55 -7.99
C GLY A 158 -12.84 -1.92 -8.21
N PHE A 159 -12.53 -0.91 -7.42
CA PHE A 159 -11.22 -0.27 -7.47
C PHE A 159 -10.27 -0.89 -6.47
N LYS A 160 -9.00 -1.02 -6.87
CA LYS A 160 -7.99 -1.70 -6.07
C LYS A 160 -7.81 -1.10 -4.68
N SER A 161 -7.21 -1.90 -3.80
CA SER A 161 -6.85 -1.47 -2.45
C SER A 161 -5.96 -0.23 -2.52
N ASN A 162 -5.82 0.45 -1.37
CA ASN A 162 -4.98 1.65 -1.25
C ASN A 162 -5.50 2.92 -1.91
N LEU A 163 -6.42 2.76 -2.86
CA LEU A 163 -6.84 3.87 -3.72
C LEU A 163 -7.57 5.00 -2.99
N VAL A 164 -8.28 4.64 -1.93
CA VAL A 164 -8.99 5.62 -1.12
C VAL A 164 -8.04 6.52 -0.34
N LEU A 165 -8.20 7.82 -0.50
CA LEU A 165 -7.50 8.77 0.37
C LEU A 165 -8.54 9.57 1.13
N ASP A 166 -8.86 9.10 2.34
CA ASP A 166 -9.79 9.84 3.19
C ASP A 166 -9.03 11.00 3.86
N PHE A 167 -9.52 12.21 3.66
CA PHE A 167 -8.81 13.40 4.11
C PHE A 167 -8.69 13.48 5.63
N ARG A 168 -9.79 13.22 6.34
CA ARG A 168 -9.75 13.23 7.79
C ARG A 168 -8.73 12.23 8.32
N GLU A 169 -8.68 11.06 7.70
CA GLU A 169 -7.65 10.07 8.05
C GLU A 169 -6.25 10.63 7.80
N LYS A 170 -6.10 11.40 6.74
CA LYS A 170 -4.81 11.96 6.39
C LYS A 170 -4.32 12.98 7.42
N ILE A 171 -5.19 13.94 7.75
CA ILE A 171 -4.88 14.98 8.73
C ILE A 171 -4.52 14.43 10.12
N ASN A 172 -5.32 13.47 10.60
CA ASN A 172 -5.07 12.88 11.91
C ASN A 172 -3.72 12.16 11.92
N GLU A 173 -3.45 11.42 10.85
CA GLU A 173 -2.16 10.75 10.68
C GLU A 173 -1.00 11.76 10.59
N ASP A 174 -1.19 12.82 9.81
CA ASP A 174 -0.19 13.89 9.72
C ASP A 174 0.05 14.52 11.09
N ASN A 175 -1.05 14.86 11.78
CA ASN A 175 -0.98 15.51 13.09
C ASN A 175 -0.12 14.68 14.03
N LYS A 176 -0.40 13.38 14.06
CA LYS A 176 0.36 12.44 14.85
C LYS A 176 1.85 12.47 14.46
N LYS A 177 2.12 12.51 13.16
CA LYS A 177 3.50 12.58 12.67
C LYS A 177 4.21 13.86 13.12
N ILE A 178 3.54 14.99 12.95
CA ILE A 178 4.11 16.28 13.31
C ILE A 178 4.45 16.25 14.80
N LYS A 179 3.56 15.67 15.60
CA LYS A 179 3.78 15.54 17.03
C LYS A 179 5.02 14.70 17.33
N LYS A 180 5.13 13.55 16.67
CA LYS A 180 6.31 12.69 16.87
C LYS A 180 7.61 13.40 16.46
N LEU A 181 7.57 14.08 15.33
CA LEU A 181 8.75 14.72 14.77
C LEU A 181 9.16 15.99 15.51
N LEU A 182 8.18 16.79 15.92
CA LEU A 182 8.46 18.15 16.36
C LEU A 182 8.36 18.40 17.86
N SER A 183 8.12 17.35 18.64
CA SER A 183 7.90 17.56 20.08
C SER A 183 9.14 18.07 20.80
N ARG A 184 10.31 17.68 20.31
CA ARG A 184 11.55 18.17 20.89
C ARG A 184 12.22 19.20 19.99
N GLU A 185 11.45 19.72 19.03
CA GLU A 185 11.96 20.73 18.11
C GLU A 185 11.29 22.10 18.28
N LEU A 186 10.14 22.12 18.94
CA LEU A 186 9.39 23.35 19.12
C LEU A 186 9.34 23.71 20.59
N LYS A 187 9.14 24.98 20.87
CA LYS A 187 8.88 25.41 22.22
C LYS A 187 7.37 25.43 22.45
N GLY A 188 6.98 25.44 23.72
CA GLY A 188 5.59 25.36 24.13
C GLY A 188 4.56 26.17 23.37
N PRO A 189 4.74 27.51 23.34
CA PRO A 189 3.84 28.40 22.57
C PRO A 189 3.76 28.02 21.10
N GLN A 190 4.89 27.59 20.52
CA GLN A 190 4.95 27.23 19.12
C GLN A 190 4.16 25.93 18.84
N MSE A 191 4.26 24.95 19.74
CA MSE A 191 3.50 23.71 19.58
C MSE A 191 2.00 23.91 19.82
O MSE A 191 1.16 23.25 19.22
CB MSE A 191 4.04 22.59 20.47
CG MSE A 191 3.26 21.27 20.31
SE MSE A 191 3.48 20.44 18.55
CE MSE A 191 5.23 19.66 18.88
N LYS A 192 1.67 24.83 20.74
CA LYS A 192 0.28 25.19 20.97
C LYS A 192 -0.33 25.72 19.67
N LYS A 193 0.46 26.52 18.94
CA LYS A 193 0.01 27.05 17.66
C LYS A 193 -0.28 25.92 16.67
N VAL A 194 0.55 24.88 16.72
CA VAL A 194 0.38 23.72 15.85
C VAL A 194 -0.92 23.02 16.20
N ASP A 195 -1.12 22.76 17.50
CA ASP A 195 -2.32 22.09 17.99
C ASP A 195 -3.56 22.81 17.52
N ASP A 196 -3.57 24.12 17.73
CA ASP A 196 -4.69 24.98 17.36
C ASP A 196 -5.02 24.84 15.87
N PHE A 197 -4.01 25.01 15.04
CA PHE A 197 -4.20 24.90 13.59
C PHE A 197 -4.87 23.59 13.22
N TYR A 198 -4.31 22.48 13.69
CA TYR A 198 -4.88 21.16 13.40
C TYR A 198 -6.27 21.02 13.99
N ARG A 199 -6.47 21.55 15.19
CA ARG A 199 -7.80 21.59 15.77
C ARG A 199 -8.77 22.35 14.86
N ASP A 200 -8.36 23.53 14.43
CA ASP A 200 -9.18 24.37 13.56
C ASP A 200 -9.56 23.64 12.26
N ILE A 201 -8.62 22.90 11.69
CA ILE A 201 -8.87 22.13 10.47
C ILE A 201 -9.92 21.06 10.72
N LEU A 202 -9.68 20.26 11.77
CA LEU A 202 -10.47 19.07 12.01
C LEU A 202 -11.90 19.38 12.46
N GLU A 203 -12.12 20.56 13.02
CA GLU A 203 -13.46 20.93 13.48
C GLU A 203 -14.20 21.68 12.39
N ASN A 204 -13.66 21.64 11.17
CA ASN A 204 -14.29 22.26 10.03
C ASN A 204 -14.82 21.21 9.04
N GLU A 205 -16.14 21.06 9.01
CA GLU A 205 -16.81 20.00 8.24
C GLU A 205 -16.53 20.00 6.74
N ILE A 206 -16.42 21.18 6.13
CA ILE A 206 -16.32 21.28 4.68
C ILE A 206 -15.13 20.50 4.08
N TYR A 207 -14.13 20.20 4.91
CA TYR A 207 -12.92 19.53 4.46
C TYR A 207 -13.10 18.02 4.26
N PHE A 208 -14.11 17.46 4.90
CA PHE A 208 -14.28 16.01 4.97
C PHE A 208 -15.67 15.61 4.49
N LYS A 209 -16.39 16.59 3.97
CA LYS A 209 -17.80 16.46 3.63
C LYS A 209 -18.04 16.02 2.17
N TYR A 210 -17.00 16.16 1.35
CA TYR A 210 -17.08 15.91 -0.08
C TYR A 210 -17.58 14.51 -0.48
N TYR A 211 -18.03 14.37 -1.73
CA TYR A 211 -18.31 13.05 -2.29
C TYR A 211 -17.00 12.52 -2.86
N PRO A 212 -16.50 11.39 -2.35
CA PRO A 212 -15.23 10.91 -2.90
C PRO A 212 -15.34 10.42 -4.34
N CYS A 213 -14.38 10.84 -5.16
CA CYS A 213 -14.33 10.49 -6.57
C CYS A 213 -12.89 10.17 -6.93
N LEU A 214 -12.71 9.51 -8.07
CA LEU A 214 -11.36 9.33 -8.61
C LEU A 214 -10.81 10.69 -9.01
N ILE A 215 -9.65 11.05 -8.48
CA ILE A 215 -9.03 12.34 -8.76
C ILE A 215 -7.58 12.16 -9.21
N HIS A 216 -7.06 13.15 -9.92
CA HIS A 216 -5.71 13.11 -10.41
C HIS A 216 -4.75 13.36 -9.26
N ASN A 217 -5.10 14.35 -8.43
CA ASN A 217 -4.42 14.64 -7.15
C ASN A 217 -3.02 15.27 -7.26
N ASP A 218 -2.55 15.51 -8.49
CA ASP A 218 -1.37 16.32 -8.70
C ASP A 218 -1.59 17.08 -10.01
N PHE A 219 -2.79 17.63 -10.13
CA PHE A 219 -3.26 18.27 -11.35
C PHE A 219 -2.69 19.68 -11.42
N SER A 220 -1.48 19.77 -11.96
CA SER A 220 -0.78 21.04 -12.05
C SER A 220 -0.28 21.26 -13.46
N SER A 221 0.17 22.49 -13.73
CA SER A 221 0.48 22.92 -15.07
C SER A 221 1.54 22.05 -15.74
N ASP A 222 2.45 21.49 -14.95
CA ASP A 222 3.51 20.67 -15.52
C ASP A 222 3.03 19.28 -15.95
N HIS A 223 1.79 18.92 -15.61
CA HIS A 223 1.22 17.64 -16.04
C HIS A 223 0.13 17.82 -17.08
N ILE A 224 0.08 19.02 -17.64
CA ILE A 224 -0.85 19.34 -18.71
C ILE A 224 -0.03 19.66 -19.96
N LEU A 225 -0.13 18.79 -20.96
CA LEU A 225 0.67 18.93 -22.17
C LEU A 225 -0.11 19.68 -23.24
N PHE A 226 0.55 20.57 -23.97
CA PHE A 226 -0.14 21.47 -24.86
C PHE A 226 0.41 21.35 -26.28
N ASP A 227 -0.48 21.52 -27.26
CA ASP A 227 -0.09 21.50 -28.68
C ASP A 227 -0.12 22.92 -29.24
N THR A 228 1.08 23.47 -29.43
CA THR A 228 1.27 24.84 -29.89
C THR A 228 0.81 25.05 -31.34
N GLU A 229 0.71 23.97 -32.10
CA GLU A 229 0.20 24.06 -33.47
C GLU A 229 -1.32 24.20 -33.47
N LYS A 230 -2.00 23.35 -32.70
CA LYS A 230 -3.45 23.39 -32.62
C LYS A 230 -3.94 24.41 -31.60
N ASN A 231 -3.03 24.90 -30.77
CA ASN A 231 -3.39 25.68 -29.59
C ASN A 231 -4.47 25.01 -28.76
N THR A 232 -4.26 23.71 -28.49
CA THR A 232 -5.13 22.93 -27.62
C THR A 232 -4.35 21.92 -26.78
N ILE A 233 -4.77 21.74 -25.54
CA ILE A 233 -4.22 20.71 -24.67
C ILE A 233 -4.29 19.35 -25.36
N CYS A 234 -3.17 18.63 -25.34
CA CYS A 234 -3.08 17.36 -26.05
C CYS A 234 -2.70 16.21 -25.12
N GLY A 235 -2.89 16.38 -23.81
CA GLY A 235 -2.59 15.30 -22.88
C GLY A 235 -2.53 15.67 -21.41
N ILE A 236 -2.87 14.70 -20.56
CA ILE A 236 -2.68 14.80 -19.11
C ILE A 236 -1.76 13.67 -18.71
N ILE A 237 -0.72 13.99 -17.94
CA ILE A 237 0.25 12.97 -17.57
C ILE A 237 0.41 12.83 -16.05
N ASP A 238 1.25 11.87 -15.67
CA ASP A 238 1.68 11.66 -14.28
C ASP A 238 0.56 11.42 -13.29
N PHE A 239 0.01 10.20 -13.34
CA PHE A 239 -1.13 9.82 -12.52
C PHE A 239 -0.71 9.16 -11.20
N GLY A 240 0.58 9.20 -10.89
CA GLY A 240 1.11 8.47 -9.74
C GLY A 240 0.55 8.84 -8.37
N ASP A 241 -0.03 10.04 -8.28
CA ASP A 241 -0.65 10.51 -7.05
C ASP A 241 -2.15 10.29 -7.03
N ALA A 242 -2.68 9.74 -8.12
CA ALA A 242 -4.13 9.62 -8.23
C ALA A 242 -4.71 8.73 -7.14
N ALA A 243 -5.96 9.01 -6.79
CA ALA A 243 -6.55 8.40 -5.60
C ALA A 243 -8.04 8.70 -5.63
N ILE A 244 -8.75 8.11 -4.68
CA ILE A 244 -10.15 8.40 -4.54
C ILE A 244 -10.29 9.34 -3.35
N SER A 245 -10.73 10.57 -3.64
CA SER A 245 -10.77 11.59 -2.62
C SER A 245 -11.63 12.77 -3.05
N ASP A 246 -11.27 13.95 -2.57
CA ASP A 246 -11.98 15.17 -2.82
C ASP A 246 -11.63 15.75 -4.20
N PRO A 247 -12.60 15.80 -5.10
CA PRO A 247 -12.34 16.33 -6.44
C PRO A 247 -11.89 17.79 -6.42
N ASP A 248 -12.16 18.51 -5.34
CA ASP A 248 -11.72 19.90 -5.23
C ASP A 248 -10.19 20.02 -5.23
N ASN A 249 -9.51 18.95 -4.81
CA ASN A 249 -8.04 18.88 -4.88
C ASN A 249 -7.51 19.26 -6.27
N ASP A 250 -8.25 18.85 -7.30
CA ASP A 250 -7.84 19.06 -8.70
C ASP A 250 -8.05 20.50 -9.21
N PHE A 251 -8.71 21.33 -8.40
CA PHE A 251 -8.78 22.76 -8.68
C PHE A 251 -7.77 23.53 -7.86
N ILE A 252 -7.72 23.26 -6.55
CA ILE A 252 -6.82 24.03 -5.69
C ILE A 252 -5.35 23.83 -6.09
N SER A 253 -5.04 22.70 -6.72
CA SER A 253 -3.70 22.49 -7.26
C SER A 253 -3.36 23.43 -8.44
N LEU A 254 -4.37 23.87 -9.17
CA LEU A 254 -4.14 24.72 -10.33
C LEU A 254 -4.20 26.20 -9.97
N MSE A 255 -4.58 26.48 -8.73
CA MSE A 255 -4.99 27.81 -8.36
C MSE A 255 -3.87 28.68 -7.79
O MSE A 255 -4.05 29.88 -7.62
CB MSE A 255 -6.18 27.71 -7.39
CG MSE A 255 -7.05 28.91 -7.27
SE MSE A 255 -8.26 28.69 -5.74
CE MSE A 255 -9.21 27.18 -6.32
N GLU A 256 -2.70 28.08 -7.51
CA GLU A 256 -1.58 28.83 -6.95
C GLU A 256 -1.09 29.92 -7.89
N ASP A 257 -0.67 31.06 -7.32
CA ASP A 257 -0.19 32.15 -8.16
C ASP A 257 1.30 32.08 -8.50
N ASP A 258 2.11 31.55 -7.60
CA ASP A 258 3.55 31.42 -7.87
C ASP A 258 3.85 30.53 -9.07
N GLU A 259 3.53 29.24 -8.94
CA GLU A 259 3.93 28.24 -9.95
C GLU A 259 2.77 27.75 -10.81
N GLU A 260 1.55 28.22 -10.56
CA GLU A 260 0.39 27.72 -11.29
C GLU A 260 -0.41 28.82 -12.01
N TYR A 261 -1.69 28.58 -12.27
CA TYR A 261 -2.44 29.44 -13.18
C TYR A 261 -3.07 30.68 -12.54
N GLY A 262 -3.45 30.56 -11.27
CA GLY A 262 -4.09 31.67 -10.59
C GLY A 262 -5.58 31.53 -10.44
N MSE A 263 -6.13 32.22 -9.44
CA MSE A 263 -7.51 32.09 -9.02
C MSE A 263 -8.51 32.44 -10.12
O MSE A 263 -9.60 31.87 -10.20
CB MSE A 263 -7.73 32.93 -7.77
CG MSE A 263 -9.17 33.27 -7.42
SE MSE A 263 -9.18 34.67 -6.06
CE MSE A 263 -7.80 33.93 -4.90
N GLU A 264 -8.12 33.36 -11.01
CA GLU A 264 -9.02 33.81 -12.06
C GLU A 264 -9.24 32.76 -13.15
N PHE A 265 -8.16 32.15 -13.62
CA PHE A 265 -8.27 31.13 -14.65
C PHE A 265 -8.97 29.87 -14.15
N VAL A 266 -8.62 29.44 -12.93
CA VAL A 266 -9.26 28.28 -12.31
C VAL A 266 -10.76 28.53 -12.16
N SER A 267 -11.11 29.77 -11.85
CA SER A 267 -12.51 30.18 -11.74
C SER A 267 -13.28 29.90 -13.03
N LYS A 268 -12.66 30.18 -14.17
CA LYS A 268 -13.28 29.87 -15.46
C LYS A 268 -13.52 28.36 -15.57
N ILE A 269 -12.53 27.59 -15.12
CA ILE A 269 -12.63 26.14 -15.17
C ILE A 269 -13.78 25.66 -14.30
N LEU A 270 -13.94 26.33 -13.16
CA LEU A 270 -15.01 25.99 -12.21
C LEU A 270 -16.41 26.16 -12.81
N ASN A 271 -16.56 27.20 -13.62
CA ASN A 271 -17.85 27.47 -14.27
C ASN A 271 -18.25 26.40 -15.29
N HIS A 272 -17.28 25.93 -16.07
CA HIS A 272 -17.55 24.90 -17.08
C HIS A 272 -17.83 23.55 -16.42
N TYR A 273 -17.24 23.36 -15.25
CA TYR A 273 -17.44 22.17 -14.46
C TYR A 273 -18.87 22.11 -13.92
N LYS A 274 -19.52 23.27 -13.91
CA LYS A 274 -20.81 23.50 -13.25
C LYS A 274 -20.65 23.33 -11.74
N HIS A 275 -19.59 23.92 -11.19
CA HIS A 275 -19.29 23.74 -9.78
C HIS A 275 -20.30 24.46 -8.89
N LYS A 276 -20.65 23.84 -7.77
CA LYS A 276 -21.76 24.33 -6.97
C LYS A 276 -21.41 24.78 -5.54
N ASP A 277 -20.14 25.04 -5.29
CA ASP A 277 -19.71 25.63 -4.02
C ASP A 277 -18.29 26.16 -4.11
N ILE A 278 -18.14 27.24 -4.84
CA ILE A 278 -16.83 27.85 -5.11
C ILE A 278 -16.14 28.52 -3.90
N PRO A 279 -16.92 29.17 -3.01
CA PRO A 279 -16.24 29.64 -1.79
C PRO A 279 -15.59 28.49 -1.04
N THR A 280 -16.24 27.33 -1.06
CA THR A 280 -15.67 26.14 -0.44
C THR A 280 -14.32 25.78 -1.06
N VAL A 281 -14.27 25.71 -2.39
CA VAL A 281 -13.03 25.51 -3.12
C VAL A 281 -11.95 26.49 -2.64
N LEU A 282 -12.35 27.75 -2.48
CA LEU A 282 -11.45 28.82 -2.08
C LEU A 282 -10.94 28.65 -0.66
N GLU A 283 -11.85 28.23 0.23
CA GLU A 283 -11.49 28.03 1.61
C GLU A 283 -10.50 26.88 1.71
N LYS A 284 -10.68 25.89 0.84
CA LYS A 284 -9.80 24.73 0.82
C LYS A 284 -8.43 25.11 0.28
N TYR A 285 -8.42 26.00 -0.70
CA TYR A 285 -7.17 26.52 -1.25
C TYR A 285 -6.33 27.21 -0.18
N ARG A 286 -6.93 28.16 0.54
CA ARG A 286 -6.19 28.91 1.52
C ARG A 286 -5.66 28.03 2.67
N MSE A 287 -6.47 27.06 3.09
CA MSE A 287 -6.05 26.12 4.13
C MSE A 287 -4.85 25.33 3.61
O MSE A 287 -3.85 25.14 4.31
CB MSE A 287 -7.18 25.16 4.52
CG MSE A 287 -6.87 24.27 5.71
SE MSE A 287 -5.83 22.67 5.32
CE MSE A 287 -7.27 21.54 4.64
N LYS A 288 -4.95 24.87 2.36
CA LYS A 288 -3.92 24.05 1.74
C LYS A 288 -2.59 24.79 1.65
N GLU A 289 -2.67 26.09 1.36
CA GLU A 289 -1.44 26.88 1.21
C GLU A 289 -0.72 27.03 2.56
N LYS A 290 -1.49 27.29 3.61
CA LYS A 290 -0.94 27.33 4.95
C LYS A 290 -0.37 25.96 5.34
N TYR A 291 -1.09 24.90 4.92
CA TYR A 291 -0.73 23.55 5.33
C TYR A 291 0.62 23.08 4.80
N TRP A 292 1.10 23.74 3.74
CA TRP A 292 2.31 23.35 3.03
C TRP A 292 3.54 23.24 3.93
N SER A 293 3.66 24.14 4.90
CA SER A 293 4.75 24.05 5.87
C SER A 293 4.82 22.66 6.52
N PHE A 294 3.68 22.16 6.95
CA PHE A 294 3.63 20.87 7.61
C PHE A 294 3.96 19.70 6.67
N GLU A 295 3.53 19.79 5.43
CA GLU A 295 3.86 18.75 4.45
C GLU A 295 5.35 18.74 4.23
N LYS A 296 5.96 19.94 4.21
CA LYS A 296 7.38 20.06 4.01
C LYS A 296 8.15 19.36 5.14
N ILE A 297 7.63 19.44 6.36
CA ILE A 297 8.24 18.70 7.47
C ILE A 297 8.12 17.20 7.20
N ILE A 298 6.91 16.76 6.91
CA ILE A 298 6.63 15.32 6.82
C ILE A 298 7.29 14.74 5.57
N TYR A 299 6.82 15.18 4.41
CA TYR A 299 7.35 14.79 3.11
C TYR A 299 8.88 14.94 3.13
N GLY A 300 9.36 16.00 3.78
CA GLY A 300 10.79 16.20 3.95
C GLY A 300 11.47 15.06 4.70
N LYS A 301 11.09 14.87 5.96
CA LYS A 301 11.65 13.81 6.81
C LYS A 301 11.55 12.42 6.19
N GLU A 302 10.48 12.16 5.45
CA GLU A 302 10.27 10.85 4.89
C GLU A 302 11.15 10.60 3.66
N TYR A 303 11.36 11.64 2.85
CA TYR A 303 12.20 11.57 1.66
C TYR A 303 13.63 11.99 1.96
N GLY A 304 13.95 12.24 3.23
CA GLY A 304 15.29 12.66 3.59
C GLY A 304 15.71 13.98 2.94
N TYR A 305 14.73 14.84 2.65
CA TYR A 305 15.02 16.18 2.16
C TYR A 305 15.25 17.08 3.35
N MSE A 306 16.48 17.11 3.83
N MSE A 306 16.48 17.14 3.84
CA MSE A 306 16.83 17.96 4.98
CA MSE A 306 16.76 17.95 5.01
C MSE A 306 16.44 19.41 4.72
C MSE A 306 16.49 19.44 4.73
O MSE A 306 16.10 20.16 5.64
O MSE A 306 16.28 20.23 5.65
CB MSE A 306 18.33 17.89 5.29
CB MSE A 306 18.18 17.73 5.51
CG MSE A 306 18.72 18.53 6.61
CG MSE A 306 18.33 17.87 7.02
SE MSE A 306 20.65 18.68 6.85
SE MSE A 306 17.07 16.75 8.01
CE MSE A 306 21.02 20.03 5.49
CE MSE A 306 17.39 17.52 9.78
N ASP A 307 16.49 19.81 3.45
CA ASP A 307 16.16 21.17 3.06
C ASP A 307 14.68 21.53 3.24
N TRP A 308 13.78 20.63 2.86
CA TRP A 308 12.34 20.85 3.07
C TRP A 308 11.98 20.86 4.55
N TYR A 309 12.62 19.98 5.31
CA TYR A 309 12.37 19.88 6.74
C TYR A 309 12.71 21.18 7.45
N GLU A 310 13.91 21.70 7.18
CA GLU A 310 14.36 22.95 7.80
C GLU A 310 13.50 24.15 7.41
N GLU A 311 13.07 24.21 6.16
CA GLU A 311 12.18 25.28 5.72
C GLU A 311 10.87 25.22 6.48
N GLY A 312 10.26 24.04 6.48
CA GLY A 312 8.99 23.84 7.16
C GLY A 312 9.14 24.19 8.64
N LEU A 313 10.24 23.73 9.24
CA LEU A 313 10.48 23.98 10.67
C LEU A 313 10.60 25.47 10.97
N ASN A 314 11.29 26.18 10.10
CA ASN A 314 11.46 27.63 10.24
CA ASN A 314 11.43 27.60 10.33
C ASN A 314 10.15 28.37 10.06
N GLU A 315 9.36 27.91 9.09
CA GLU A 315 8.05 28.51 8.84
C GLU A 315 7.12 28.31 10.04
N ILE A 316 7.18 27.12 10.62
CA ILE A 316 6.33 26.77 11.74
C ILE A 316 6.70 27.63 12.97
N ARG A 317 7.99 27.90 13.14
CA ARG A 317 8.48 28.80 14.19
C ARG A 317 8.17 30.27 13.90
N SER A 318 7.21 30.51 13.01
CA SER A 318 6.76 31.86 12.70
C SER A 318 5.24 31.91 12.56
N ILE A 319 4.76 33.04 12.06
CA ILE A 319 3.34 33.30 11.77
C ILE A 319 2.53 32.07 11.32
N THR B 24 20.98 -6.82 7.63
CA THR B 24 20.09 -6.40 8.71
C THR B 24 20.68 -5.31 9.61
N TYR B 25 20.51 -5.49 10.91
CA TYR B 25 20.80 -4.45 11.90
C TYR B 25 21.66 -4.96 13.06
N THR B 26 22.52 -4.08 13.58
CA THR B 26 23.23 -4.36 14.81
C THR B 26 22.41 -3.89 16.01
N PHE B 27 22.72 -4.40 17.20
CA PHE B 27 22.05 -3.97 18.42
C PHE B 27 22.15 -2.45 18.58
N ASP B 28 23.34 -1.92 18.32
CA ASP B 28 23.58 -0.50 18.43
C ASP B 28 22.65 0.30 17.53
N GLN B 29 22.44 -0.19 16.31
CA GLN B 29 21.56 0.48 15.35
C GLN B 29 20.11 0.51 15.80
N VAL B 30 19.65 -0.61 16.34
CA VAL B 30 18.30 -0.71 16.87
C VAL B 30 18.08 0.37 17.93
N GLU B 31 19.01 0.47 18.88
CA GLU B 31 18.93 1.46 19.95
C GLU B 31 18.85 2.91 19.46
N LYS B 32 19.67 3.25 18.45
CA LYS B 32 19.68 4.61 17.92
C LYS B 32 18.33 4.94 17.30
N ALA B 33 17.82 4.01 16.50
CA ALA B 33 16.56 4.21 15.79
C ALA B 33 15.45 4.47 16.81
N ILE B 34 15.48 3.72 17.90
CA ILE B 34 14.53 3.89 18.99
C ILE B 34 14.79 5.21 19.72
N GLU B 35 16.04 5.47 20.05
CA GLU B 35 16.40 6.68 20.81
C GLU B 35 16.06 7.96 20.06
N GLN B 36 16.27 7.93 18.75
CA GLN B 36 15.96 9.06 17.88
C GLN B 36 14.51 9.51 18.01
N LEU B 37 13.63 8.56 18.37
CA LEU B 37 12.21 8.84 18.52
C LEU B 37 11.69 8.69 19.94
N TYR B 38 12.45 7.98 20.78
CA TYR B 38 12.09 7.81 22.20
C TYR B 38 13.33 7.94 23.08
N PRO B 39 13.87 9.17 23.18
CA PRO B 39 15.11 9.38 23.93
C PRO B 39 14.97 9.13 25.43
N ASP B 40 13.75 9.05 25.94
CA ASP B 40 13.53 8.74 27.35
C ASP B 40 13.25 7.28 27.63
N PHE B 41 13.24 6.46 26.58
CA PHE B 41 13.09 5.03 26.77
C PHE B 41 14.47 4.44 27.05
N THR B 42 14.66 3.95 28.27
CA THR B 42 15.95 3.40 28.65
C THR B 42 16.02 1.91 28.32
N ILE B 43 16.95 1.55 27.44
CA ILE B 43 17.13 0.15 27.10
C ILE B 43 18.19 -0.47 28.01
N ASN B 44 17.80 -1.52 28.71
CA ASN B 44 18.67 -2.23 29.64
C ASN B 44 19.15 -3.55 29.09
N THR B 45 18.24 -4.28 28.46
CA THR B 45 18.61 -5.50 27.78
C THR B 45 18.03 -5.50 26.36
N ILE B 46 18.76 -6.14 25.46
CA ILE B 46 18.28 -6.32 24.11
C ILE B 46 18.80 -7.65 23.61
N GLU B 47 17.92 -8.46 23.04
CA GLU B 47 18.32 -9.69 22.41
C GLU B 47 17.37 -10.03 21.28
N ILE B 48 17.82 -10.91 20.40
CA ILE B 48 16.99 -11.38 19.31
C ILE B 48 16.01 -12.38 19.87
N SER B 49 14.74 -12.23 19.51
CA SER B 49 13.73 -13.20 19.95
C SER B 49 13.24 -14.02 18.77
N GLY B 50 13.45 -13.49 17.58
CA GLY B 50 13.03 -14.18 16.37
C GLY B 50 13.38 -13.47 15.08
N GLU B 51 13.23 -14.19 13.98
CA GLU B 51 13.52 -13.68 12.66
C GLU B 51 12.45 -14.23 11.74
N GLY B 52 12.09 -13.48 10.70
CA GLY B 52 11.08 -13.92 9.77
C GLY B 52 11.50 -13.70 8.34
N ASN B 53 10.52 -13.74 7.43
CA ASN B 53 10.79 -13.37 6.05
C ASN B 53 10.70 -11.86 5.91
N ASP B 54 9.86 -11.25 6.73
CA ASP B 54 9.60 -9.82 6.66
C ASP B 54 10.38 -9.04 7.71
N CYS B 55 10.53 -9.63 8.89
CA CYS B 55 11.02 -8.88 10.04
C CYS B 55 12.03 -9.63 10.91
N ILE B 56 12.93 -8.87 11.51
CA ILE B 56 13.74 -9.36 12.60
C ILE B 56 13.17 -8.75 13.88
N ALA B 57 12.98 -9.58 14.91
CA ALA B 57 12.35 -9.12 16.14
C ALA B 57 13.36 -9.08 17.29
N TYR B 58 13.26 -8.05 18.12
CA TYR B 58 14.15 -7.88 19.26
C TYR B 58 13.34 -7.80 20.54
N GLU B 59 13.74 -8.58 21.53
CA GLU B 59 13.13 -8.48 22.85
C GLU B 59 13.89 -7.46 23.67
N ILE B 60 13.18 -6.43 24.12
CA ILE B 60 13.85 -5.33 24.79
C ILE B 60 13.33 -5.16 26.22
N ASN B 61 14.25 -5.15 27.17
CA ASN B 61 13.93 -5.09 28.60
C ASN B 61 13.01 -6.23 29.05
N ARG B 62 13.01 -7.32 28.29
CA ARG B 62 12.12 -8.45 28.50
C ARG B 62 10.64 -8.06 28.65
N ASP B 63 10.28 -6.91 28.08
CA ASP B 63 8.94 -6.37 28.21
C ASP B 63 8.29 -6.14 26.85
N PHE B 64 9.13 -5.93 25.83
CA PHE B 64 8.64 -5.60 24.51
C PHE B 64 9.30 -6.43 23.43
N ILE B 65 8.57 -6.61 22.35
CA ILE B 65 9.14 -7.12 21.11
C ILE B 65 9.12 -6.02 20.05
N PHE B 66 10.31 -5.67 19.59
CA PHE B 66 10.46 -4.66 18.58
C PHE B 66 10.72 -5.38 17.27
N LYS B 67 9.94 -5.03 16.26
CA LYS B 67 10.13 -5.57 14.93
C LYS B 67 10.76 -4.54 14.02
N PHE B 68 11.78 -4.98 13.31
CA PHE B 68 12.45 -4.17 12.30
C PHE B 68 12.36 -4.89 10.96
N PRO B 69 12.02 -4.17 9.89
CA PRO B 69 11.81 -4.76 8.56
C PRO B 69 13.14 -5.11 7.88
N LYS B 70 13.19 -6.30 7.27
CA LYS B 70 14.37 -6.71 6.53
C LYS B 70 14.36 -6.13 5.12
N HIS B 71 13.20 -5.64 4.69
CA HIS B 71 13.07 -5.00 3.38
C HIS B 71 11.80 -4.18 3.27
N SER B 72 11.61 -3.56 2.10
CA SER B 72 10.50 -2.68 1.85
C SER B 72 9.16 -3.39 1.92
N ARG B 73 9.04 -4.57 1.30
CA ARG B 73 7.76 -5.28 1.33
C ARG B 73 7.44 -5.72 2.76
N GLY B 74 8.47 -6.20 3.46
CA GLY B 74 8.33 -6.55 4.86
C GLY B 74 7.88 -5.39 5.73
N SER B 75 8.30 -4.17 5.38
CA SER B 75 7.87 -2.99 6.13
C SER B 75 6.38 -2.73 5.97
N THR B 76 5.80 -3.18 4.86
CA THR B 76 4.36 -2.99 4.66
C THR B 76 3.51 -3.95 5.49
N ASN B 77 4.03 -5.15 5.74
CA ASN B 77 3.34 -6.05 6.66
C ASN B 77 3.39 -5.48 8.08
N LEU B 78 4.54 -4.92 8.46
CA LEU B 78 4.68 -4.32 9.78
C LEU B 78 3.75 -3.12 9.94
N PHE B 79 3.69 -2.29 8.90
CA PHE B 79 2.77 -1.15 8.88
C PHE B 79 1.30 -1.60 8.99
N ASN B 80 0.95 -2.64 8.25
CA ASN B 80 -0.35 -3.27 8.33
C ASN B 80 -0.70 -3.78 9.76
N GLU B 81 0.25 -4.47 10.38
CA GLU B 81 0.03 -5.03 11.72
C GLU B 81 -0.25 -3.95 12.74
N VAL B 82 0.48 -2.85 12.65
CA VAL B 82 0.30 -1.75 13.59
C VAL B 82 -1.09 -1.13 13.49
N ASN B 83 -1.52 -0.88 12.27
CA ASN B 83 -2.84 -0.30 12.06
C ASN B 83 -4.02 -1.24 12.35
N ILE B 84 -3.89 -2.51 11.98
CA ILE B 84 -4.87 -3.52 12.38
C ILE B 84 -4.96 -3.64 13.90
N LEU B 85 -3.81 -3.82 14.56
CA LEU B 85 -3.78 -4.01 16.01
C LEU B 85 -4.41 -2.85 16.77
N LYS B 86 -4.14 -1.62 16.35
CA LYS B 86 -4.74 -0.48 17.00
C LYS B 86 -6.24 -0.43 16.74
N ARG B 87 -6.67 -1.01 15.63
CA ARG B 87 -8.07 -1.01 15.26
C ARG B 87 -8.93 -2.02 16.02
N ILE B 88 -8.35 -3.16 16.39
CA ILE B 88 -9.12 -4.23 17.05
C ILE B 88 -8.79 -4.35 18.54
N HIS B 89 -8.12 -3.35 19.09
CA HIS B 89 -7.90 -3.28 20.53
C HIS B 89 -9.27 -3.36 21.26
N ASN B 90 -9.35 -4.20 22.29
CA ASN B 90 -10.55 -4.28 23.11
C ASN B 90 -11.73 -4.98 22.44
N LYS B 91 -11.51 -5.73 21.37
CA LYS B 91 -12.62 -6.36 20.67
C LYS B 91 -12.60 -7.89 20.69
N LEU B 92 -11.57 -8.45 21.31
CA LEU B 92 -11.33 -9.89 21.17
C LEU B 92 -11.25 -10.62 22.51
N PRO B 93 -11.55 -11.95 22.51
CA PRO B 93 -11.59 -12.71 23.76
C PRO B 93 -10.21 -13.18 24.26
N LEU B 94 -9.17 -12.96 23.46
CA LEU B 94 -7.82 -13.34 23.86
C LEU B 94 -6.89 -12.14 23.80
N PRO B 95 -5.80 -12.16 24.59
CA PRO B 95 -4.82 -11.08 24.45
C PRO B 95 -4.20 -11.05 23.06
N ILE B 96 -3.88 -9.86 22.57
CA ILE B 96 -3.10 -9.71 21.35
C ILE B 96 -2.03 -8.68 21.69
N PRO B 97 -0.97 -8.56 20.86
CA PRO B 97 0.05 -7.55 21.13
C PRO B 97 -0.54 -6.15 21.09
N GLU B 98 0.00 -5.26 21.91
CA GLU B 98 -0.45 -3.89 21.94
C GLU B 98 0.68 -3.02 21.39
N VAL B 99 0.34 -2.05 20.55
CA VAL B 99 1.37 -1.20 19.95
C VAL B 99 1.86 -0.11 20.92
N VAL B 100 3.14 -0.13 21.27
CA VAL B 100 3.64 0.83 22.25
C VAL B 100 4.61 1.85 21.62
N PHE B 101 5.42 1.39 20.67
CA PHE B 101 6.41 2.22 20.00
C PHE B 101 6.25 2.16 18.48
N THR B 102 6.39 3.31 17.84
CA THR B 102 6.30 3.35 16.38
C THR B 102 7.44 4.13 15.75
N GLY B 103 7.96 3.59 14.64
CA GLY B 103 8.95 4.29 13.85
C GLY B 103 8.29 5.16 12.78
N MSE B 104 9.08 5.63 11.82
CA MSE B 104 8.58 6.52 10.79
C MSE B 104 8.77 5.94 9.39
O MSE B 104 9.65 5.09 9.17
CB MSE B 104 9.29 7.88 10.90
CG MSE B 104 8.90 8.66 12.14
SE MSE B 104 7.07 9.40 12.05
CE MSE B 104 7.44 10.81 10.79
N PRO B 105 7.94 6.38 8.44
CA PRO B 105 8.17 6.07 7.03
C PRO B 105 9.48 6.65 6.54
N SER B 106 10.12 5.96 5.62
CA SER B 106 11.26 6.51 4.89
C SER B 106 11.00 6.31 3.41
N GLU B 107 12.01 6.61 2.60
CA GLU B 107 11.90 6.34 1.16
C GLU B 107 12.03 4.84 0.92
N THR B 108 12.37 4.10 1.98
CA THR B 108 12.65 2.68 1.88
C THR B 108 11.61 1.83 2.62
N TYR B 109 11.14 2.34 3.75
CA TYR B 109 10.23 1.56 4.58
C TYR B 109 8.93 2.30 4.87
N GLN B 110 7.82 1.58 4.75
CA GLN B 110 6.53 2.16 5.11
C GLN B 110 6.55 2.49 6.60
N MSE B 111 7.31 1.71 7.36
CA MSE B 111 7.60 2.04 8.75
C MSE B 111 8.92 1.41 9.17
O MSE B 111 9.15 0.23 8.91
CB MSE B 111 6.50 1.57 9.67
CG MSE B 111 6.92 1.67 11.13
SE MSE B 111 5.45 2.08 12.27
CE MSE B 111 4.33 0.70 11.79
N SER B 112 9.77 2.20 9.83
CA SER B 112 11.12 1.79 10.22
C SER B 112 11.18 0.72 11.31
N PHE B 113 10.20 0.72 12.21
CA PHE B 113 10.14 -0.29 13.28
C PHE B 113 8.83 -0.19 14.03
N ALA B 114 8.57 -1.15 14.91
CA ALA B 114 7.46 -1.02 15.86
C ALA B 114 7.75 -1.83 17.11
N GLY B 115 7.36 -1.28 18.25
CA GLY B 115 7.50 -1.95 19.53
C GLY B 115 6.13 -2.37 20.04
N PHE B 116 5.98 -3.66 20.31
CA PHE B 116 4.75 -4.21 20.86
C PHE B 116 5.04 -4.74 22.26
N THR B 117 4.01 -4.77 23.10
CA THR B 117 4.07 -5.49 24.36
C THR B 117 4.42 -6.96 24.12
N LYS B 118 5.28 -7.51 24.96
CA LYS B 118 5.56 -8.93 24.94
C LYS B 118 4.46 -9.70 25.68
N ILE B 119 3.88 -10.69 25.01
CA ILE B 119 2.95 -11.60 25.65
C ILE B 119 3.73 -12.83 26.11
N LYS B 120 3.64 -13.12 27.40
CA LYS B 120 4.29 -14.28 27.96
C LYS B 120 3.57 -15.56 27.52
N GLY B 121 4.34 -16.61 27.31
CA GLY B 121 3.78 -17.90 26.95
C GLY B 121 4.61 -18.55 25.87
N VAL B 122 4.16 -19.70 25.39
CA VAL B 122 4.90 -20.48 24.40
C VAL B 122 3.94 -20.90 23.28
N PRO B 123 4.46 -21.08 22.06
CA PRO B 123 3.62 -21.45 20.92
C PRO B 123 2.89 -22.75 21.23
N LEU B 124 1.61 -22.83 20.90
CA LEU B 124 0.87 -24.06 21.10
C LEU B 124 1.22 -24.93 19.90
N THR B 125 2.38 -25.58 19.97
CA THR B 125 2.83 -26.42 18.87
C THR B 125 1.92 -27.63 18.78
N PRO B 126 1.83 -28.24 17.59
CA PRO B 126 1.00 -29.45 17.47
C PRO B 126 1.42 -30.51 18.49
N LEU B 127 2.73 -30.62 18.71
CA LEU B 127 3.27 -31.51 19.74
C LEU B 127 2.74 -31.20 21.14
N LEU B 128 2.71 -29.92 21.50
CA LEU B 128 2.26 -29.49 22.81
C LEU B 128 0.77 -29.74 22.96
N LEU B 129 0.01 -29.42 21.91
CA LEU B 129 -1.44 -29.62 21.91
C LEU B 129 -1.81 -31.09 22.14
N ASN B 130 -1.18 -31.96 21.35
CA ASN B 130 -1.46 -33.38 21.36
C ASN B 130 -1.16 -34.03 22.70
N ASN B 131 -0.35 -33.36 23.52
CA ASN B 131 0.02 -33.87 24.84
C ASN B 131 -0.81 -33.33 25.98
N LEU B 132 -1.65 -32.35 25.70
CA LEU B 132 -2.52 -31.80 26.73
C LEU B 132 -3.60 -32.82 27.06
N PRO B 133 -4.14 -32.77 28.29
CA PRO B 133 -5.32 -33.58 28.63
C PRO B 133 -6.43 -33.20 27.66
N LYS B 134 -7.33 -34.14 27.36
CA LYS B 134 -8.39 -33.88 26.40
C LYS B 134 -9.21 -32.65 26.77
N GLN B 135 -9.52 -32.48 28.05
CA GLN B 135 -10.33 -31.32 28.46
C GLN B 135 -9.67 -29.99 28.07
N SER B 136 -8.35 -29.93 28.21
CA SER B 136 -7.62 -28.71 27.84
C SER B 136 -7.54 -28.53 26.33
N GLN B 137 -7.48 -29.64 25.59
CA GLN B 137 -7.46 -29.59 24.13
C GLN B 137 -8.79 -29.08 23.58
N ASN B 138 -9.88 -29.62 24.12
CA ASN B 138 -11.22 -29.18 23.77
C ASN B 138 -11.40 -27.71 24.09
N GLN B 139 -10.91 -27.33 25.28
CA GLN B 139 -10.93 -25.94 25.71
C GLN B 139 -10.20 -25.02 24.72
N ALA B 140 -9.03 -25.44 24.29
CA ALA B 140 -8.26 -24.72 23.27
C ALA B 140 -9.06 -24.54 21.97
N ALA B 141 -9.79 -25.57 21.55
CA ALA B 141 -10.49 -25.47 20.26
C ALA B 141 -11.66 -24.51 20.43
N LYS B 142 -12.31 -24.54 21.60
CA LYS B 142 -13.43 -23.66 21.86
C LYS B 142 -12.96 -22.20 21.93
N ASP B 143 -11.86 -21.97 22.65
CA ASP B 143 -11.24 -20.66 22.74
C ASP B 143 -10.75 -20.13 21.35
N LEU B 144 -10.21 -21.00 20.51
CA LEU B 144 -9.82 -20.58 19.16
C LEU B 144 -11.06 -20.20 18.33
N ALA B 145 -12.11 -21.00 18.46
CA ALA B 145 -13.35 -20.75 17.72
C ALA B 145 -14.00 -19.44 18.15
N ARG B 146 -14.02 -19.16 19.46
CA ARG B 146 -14.65 -17.94 19.92
C ARG B 146 -13.85 -16.73 19.44
N PHE B 147 -12.53 -16.88 19.46
CA PHE B 147 -11.64 -15.85 18.93
C PHE B 147 -11.94 -15.56 17.44
N LEU B 148 -11.96 -16.61 16.64
CA LEU B 148 -12.19 -16.44 15.19
C LEU B 148 -13.59 -15.88 14.91
N SER B 149 -14.56 -16.38 15.66
CA SER B 149 -15.94 -15.91 15.55
C SER B 149 -16.02 -14.41 15.84
N GLU B 150 -15.34 -13.95 16.88
CA GLU B 150 -15.36 -12.54 17.21
C GLU B 150 -14.49 -11.69 16.29
N LEU B 151 -13.33 -12.21 15.90
CA LEU B 151 -12.51 -11.55 14.89
C LEU B 151 -13.27 -11.34 13.57
N HIS B 152 -13.97 -12.38 13.10
CA HIS B 152 -14.65 -12.35 11.81
C HIS B 152 -15.94 -11.51 11.83
N SER B 153 -16.33 -11.09 13.04
CA SER B 153 -17.53 -10.29 13.22
C SER B 153 -17.19 -8.82 13.45
N ILE B 154 -15.91 -8.52 13.64
CA ILE B 154 -15.46 -7.16 13.83
C ILE B 154 -15.84 -6.35 12.59
N ASN B 155 -16.42 -5.18 12.80
CA ASN B 155 -16.97 -4.46 11.67
C ASN B 155 -15.93 -3.77 10.80
N ILE B 156 -15.98 -4.11 9.51
CA ILE B 156 -14.98 -3.77 8.52
C ILE B 156 -15.08 -2.33 8.02
N SER B 157 -16.29 -1.77 8.09
CA SER B 157 -16.50 -0.38 7.76
C SER B 157 -15.50 0.43 8.57
N GLY B 158 -14.84 1.40 7.93
CA GLY B 158 -13.83 2.19 8.62
C GLY B 158 -12.48 1.51 8.76
N PHE B 159 -12.24 0.48 7.94
CA PHE B 159 -10.93 -0.15 7.85
C PHE B 159 -10.29 0.21 6.51
N LYS B 160 -9.02 0.59 6.55
CA LYS B 160 -8.35 1.15 5.36
C LYS B 160 -8.37 0.25 4.13
N SER B 161 -8.10 0.82 2.96
CA SER B 161 -8.31 0.11 1.69
C SER B 161 -7.33 -1.02 1.39
N ASN B 162 -6.06 -0.86 1.76
CA ASN B 162 -5.05 -1.91 1.50
C ASN B 162 -5.31 -3.20 2.27
N LEU B 163 -6.36 -3.20 3.08
CA LEU B 163 -6.76 -4.40 3.80
C LEU B 163 -7.46 -5.39 2.87
N VAL B 164 -8.41 -4.88 2.09
CA VAL B 164 -9.25 -5.73 1.24
C VAL B 164 -8.43 -6.63 0.31
N LEU B 165 -8.73 -7.92 0.39
CA LEU B 165 -8.04 -8.91 -0.41
C LEU B 165 -9.06 -9.77 -1.11
N ASP B 166 -9.51 -9.34 -2.29
CA ASP B 166 -10.41 -10.18 -3.05
C ASP B 166 -9.66 -11.32 -3.72
N PHE B 167 -10.14 -12.53 -3.48
CA PHE B 167 -9.43 -13.73 -3.89
C PHE B 167 -9.35 -13.91 -5.41
N ARG B 168 -10.46 -13.67 -6.10
CA ARG B 168 -10.52 -13.72 -7.56
C ARG B 168 -9.41 -12.87 -8.17
N GLU B 169 -9.36 -11.61 -7.75
CA GLU B 169 -8.34 -10.69 -8.21
C GLU B 169 -6.95 -11.23 -7.97
N LYS B 170 -6.74 -11.74 -6.77
CA LYS B 170 -5.46 -12.32 -6.38
C LYS B 170 -5.06 -13.47 -7.31
N ILE B 171 -5.99 -14.39 -7.55
CA ILE B 171 -5.73 -15.53 -8.41
C ILE B 171 -5.54 -15.08 -9.87
N ASN B 172 -6.35 -14.12 -10.32
CA ASN B 172 -6.21 -13.56 -11.66
C ASN B 172 -4.83 -12.92 -11.84
N GLU B 173 -4.41 -12.07 -10.91
CA GLU B 173 -3.12 -11.41 -11.07
C GLU B 173 -1.94 -12.36 -10.87
N ASP B 174 -2.11 -13.39 -10.03
CA ASP B 174 -1.06 -14.40 -9.88
C ASP B 174 -0.83 -15.07 -11.24
N ASN B 175 -1.91 -15.39 -11.94
CA ASN B 175 -1.83 -16.03 -13.26
C ASN B 175 -0.99 -15.16 -14.18
N LYS B 176 -1.20 -13.85 -14.09
CA LYS B 176 -0.45 -12.92 -14.93
C LYS B 176 1.02 -12.81 -14.50
N LYS B 177 1.27 -12.82 -13.20
CA LYS B 177 2.64 -12.82 -12.69
C LYS B 177 3.43 -14.06 -13.10
N ILE B 178 2.82 -15.24 -12.97
CA ILE B 178 3.49 -16.50 -13.32
C ILE B 178 3.87 -16.51 -14.80
N LYS B 179 2.93 -16.12 -15.65
CA LYS B 179 3.21 -16.08 -17.07
C LYS B 179 4.32 -15.07 -17.38
N LYS B 180 4.34 -13.95 -16.65
CA LYS B 180 5.38 -12.96 -16.84
C LYS B 180 6.75 -13.52 -16.44
N LEU B 181 6.78 -14.24 -15.32
CA LEU B 181 8.00 -14.82 -14.77
C LEU B 181 8.49 -16.03 -15.54
N LEU B 182 7.56 -16.87 -15.98
CA LEU B 182 7.95 -18.15 -16.52
C LEU B 182 7.88 -18.29 -18.04
N SER B 183 7.36 -17.27 -18.73
CA SER B 183 7.21 -17.36 -20.19
C SER B 183 8.52 -17.70 -20.87
N ARG B 184 9.62 -17.25 -20.25
CA ARG B 184 10.97 -17.54 -20.72
C ARG B 184 11.56 -18.82 -20.10
N GLU B 185 10.95 -19.35 -19.04
CA GLU B 185 11.49 -20.55 -18.40
C GLU B 185 10.79 -21.85 -18.84
N LEU B 186 9.51 -21.75 -19.15
CA LEU B 186 8.73 -22.94 -19.50
C LEU B 186 8.59 -23.07 -21.00
N LYS B 187 8.50 -24.31 -21.47
CA LYS B 187 8.19 -24.53 -22.87
C LYS B 187 6.69 -24.30 -23.05
N GLY B 188 6.27 -24.06 -24.29
CA GLY B 188 4.88 -23.77 -24.60
C GLY B 188 3.84 -24.67 -23.96
N PRO B 189 3.98 -26.00 -24.15
CA PRO B 189 3.03 -26.94 -23.56
C PRO B 189 3.00 -26.87 -22.03
N GLN B 190 4.13 -26.51 -21.43
CA GLN B 190 4.21 -26.38 -19.97
C GLN B 190 3.42 -25.17 -19.46
N MSE B 191 3.65 -24.01 -20.08
CA MSE B 191 2.89 -22.80 -19.75
C MSE B 191 1.41 -23.00 -20.00
O MSE B 191 0.57 -22.49 -19.26
CB MSE B 191 3.37 -21.61 -20.58
CG MSE B 191 2.69 -20.31 -20.22
SE MSE B 191 3.19 -19.77 -18.37
CE MSE B 191 5.08 -19.69 -18.71
N LYS B 192 1.09 -23.71 -21.08
CA LYS B 192 -0.31 -23.96 -21.43
C LYS B 192 -1.02 -24.67 -20.26
N LYS B 193 -0.33 -25.64 -19.65
CA LYS B 193 -0.94 -26.39 -18.56
C LYS B 193 -1.02 -25.56 -17.26
N VAL B 194 -0.10 -24.63 -17.11
CA VAL B 194 -0.21 -23.65 -16.03
C VAL B 194 -1.47 -22.83 -16.25
N ASP B 195 -1.69 -22.37 -17.48
CA ASP B 195 -2.90 -21.62 -17.80
C ASP B 195 -4.17 -22.46 -17.60
N ASP B 196 -4.06 -23.75 -17.87
CA ASP B 196 -5.20 -24.64 -17.66
C ASP B 196 -5.50 -24.73 -16.15
N PHE B 197 -4.45 -24.84 -15.34
CA PHE B 197 -4.60 -24.91 -13.87
C PHE B 197 -5.35 -23.69 -13.35
N TYR B 198 -4.85 -22.51 -13.72
CA TYR B 198 -5.50 -21.26 -13.33
C TYR B 198 -6.94 -21.15 -13.84
N ARG B 199 -7.18 -21.60 -15.08
CA ARG B 199 -8.53 -21.60 -15.64
C ARG B 199 -9.47 -22.50 -14.81
N ASP B 200 -8.97 -23.68 -14.45
CA ASP B 200 -9.73 -24.64 -13.65
C ASP B 200 -10.13 -24.01 -12.28
N ILE B 201 -9.24 -23.25 -11.68
CA ILE B 201 -9.51 -22.64 -10.38
C ILE B 201 -10.57 -21.54 -10.52
N LEU B 202 -10.42 -20.71 -11.54
CA LEU B 202 -11.27 -19.54 -11.70
C LEU B 202 -12.70 -19.87 -12.12
N GLU B 203 -12.93 -21.12 -12.57
CA GLU B 203 -14.28 -21.57 -12.94
C GLU B 203 -15.08 -22.13 -11.78
N ASN B 204 -14.42 -22.32 -10.63
CA ASN B 204 -15.10 -22.85 -9.45
C ASN B 204 -15.51 -21.72 -8.52
N GLU B 205 -16.80 -21.37 -8.54
CA GLU B 205 -17.30 -20.27 -7.74
C GLU B 205 -17.04 -20.44 -6.24
N ILE B 206 -16.87 -21.68 -5.79
CA ILE B 206 -16.71 -21.96 -4.36
C ILE B 206 -15.52 -21.25 -3.69
N TYR B 207 -14.52 -20.86 -4.48
CA TYR B 207 -13.33 -20.19 -3.93
C TYR B 207 -13.52 -18.70 -3.77
N PHE B 208 -14.61 -18.18 -4.33
CA PHE B 208 -14.76 -16.75 -4.47
C PHE B 208 -16.10 -16.29 -3.91
N LYS B 209 -16.95 -17.26 -3.61
CA LYS B 209 -18.19 -16.98 -2.91
C LYS B 209 -17.92 -16.96 -1.41
N TYR B 210 -17.79 -15.77 -0.86
CA TYR B 210 -17.62 -15.65 0.58
C TYR B 210 -17.97 -14.26 1.03
N TYR B 211 -18.34 -14.13 2.29
CA TYR B 211 -18.56 -12.81 2.86
C TYR B 211 -17.24 -12.30 3.40
N PRO B 212 -16.72 -11.22 2.81
CA PRO B 212 -15.45 -10.63 3.26
C PRO B 212 -15.53 -10.31 4.75
N CYS B 213 -14.54 -10.79 5.51
CA CYS B 213 -14.46 -10.53 6.94
C CYS B 213 -13.04 -10.13 7.25
N LEU B 214 -12.84 -9.40 8.34
CA LEU B 214 -11.51 -9.26 8.88
C LEU B 214 -10.99 -10.63 9.27
N ILE B 215 -9.82 -11.00 8.77
CA ILE B 215 -9.21 -12.28 9.10
C ILE B 215 -7.76 -12.08 9.55
N HIS B 216 -7.25 -13.04 10.32
CA HIS B 216 -5.86 -13.00 10.73
C HIS B 216 -4.96 -13.30 9.52
N ASN B 217 -5.31 -14.37 8.79
CA ASN B 217 -4.71 -14.71 7.49
C ASN B 217 -3.31 -15.35 7.62
N ASP B 218 -2.81 -15.49 8.84
CA ASP B 218 -1.60 -16.29 9.06
C ASP B 218 -1.80 -17.09 10.36
N PHE B 219 -3.02 -17.60 10.49
CA PHE B 219 -3.51 -18.21 11.73
C PHE B 219 -2.97 -19.62 11.85
N SER B 220 -1.72 -19.72 12.31
CA SER B 220 -1.03 -21.00 12.45
C SER B 220 -0.57 -21.20 13.91
N SER B 221 -0.11 -22.42 14.23
CA SER B 221 0.26 -22.80 15.60
C SER B 221 1.34 -21.92 16.25
N ASP B 222 2.31 -21.45 15.46
CA ASP B 222 3.38 -20.65 16.02
C ASP B 222 2.93 -19.24 16.35
N HIS B 223 1.67 -18.92 16.07
CA HIS B 223 1.10 -17.59 16.33
C HIS B 223 0.01 -17.69 17.40
N ILE B 224 -0.05 -18.85 18.04
CA ILE B 224 -0.96 -19.08 19.15
C ILE B 224 -0.16 -19.31 20.43
N LEU B 225 -0.27 -18.39 21.38
CA LEU B 225 0.50 -18.49 22.61
C LEU B 225 -0.24 -19.20 23.76
N PHE B 226 0.52 -19.97 24.53
CA PHE B 226 -0.08 -20.87 25.48
C PHE B 226 0.57 -20.72 26.85
N ASP B 227 -0.26 -20.80 27.89
CA ASP B 227 0.17 -20.73 29.29
C ASP B 227 0.17 -22.13 29.89
N THR B 228 1.35 -22.71 30.03
CA THR B 228 1.51 -24.09 30.49
C THR B 228 1.07 -24.31 31.93
N GLU B 229 0.96 -23.24 32.71
CA GLU B 229 0.49 -23.35 34.09
C GLU B 229 -1.03 -23.45 34.15
N LYS B 230 -1.71 -22.60 33.39
CA LYS B 230 -3.17 -22.60 33.35
C LYS B 230 -3.69 -23.60 32.30
N ASN B 231 -2.78 -24.16 31.52
CA ASN B 231 -3.13 -24.93 30.32
C ASN B 231 -4.22 -24.26 29.47
N THR B 232 -4.04 -22.96 29.23
CA THR B 232 -4.94 -22.21 28.38
C THR B 232 -4.17 -21.33 27.40
N ILE B 233 -4.81 -21.05 26.27
CA ILE B 233 -4.26 -20.12 25.32
C ILE B 233 -4.32 -18.73 25.93
N CYS B 234 -3.23 -17.99 25.77
CA CYS B 234 -3.10 -16.71 26.43
C CYS B 234 -2.69 -15.61 25.47
N GLY B 235 -2.82 -15.82 24.16
CA GLY B 235 -2.48 -14.77 23.23
C GLY B 235 -2.47 -15.24 21.78
N ILE B 236 -2.75 -14.31 20.88
CA ILE B 236 -2.62 -14.54 19.44
C ILE B 236 -1.75 -13.39 18.93
N ILE B 237 -0.72 -13.72 18.14
CA ILE B 237 0.24 -12.71 17.72
C ILE B 237 0.44 -12.69 16.20
N ASP B 238 1.27 -11.76 15.73
CA ASP B 238 1.65 -11.64 14.32
C ASP B 238 0.49 -11.42 13.34
N PHE B 239 -0.01 -10.19 13.31
CA PHE B 239 -1.15 -9.79 12.51
C PHE B 239 -0.75 -9.12 11.20
N GLY B 240 0.52 -9.29 10.82
CA GLY B 240 1.07 -8.62 9.66
C GLY B 240 0.42 -8.98 8.33
N ASP B 241 -0.15 -10.20 8.26
CA ASP B 241 -0.87 -10.65 7.08
C ASP B 241 -2.36 -10.39 7.15
N ALA B 242 -2.84 -9.82 8.27
CA ALA B 242 -4.27 -9.59 8.44
C ALA B 242 -4.87 -8.83 7.25
N ALA B 243 -6.09 -9.18 6.88
CA ALA B 243 -6.75 -8.58 5.71
C ALA B 243 -8.26 -8.74 5.82
N ILE B 244 -8.97 -8.14 4.87
CA ILE B 244 -10.40 -8.39 4.76
C ILE B 244 -10.60 -9.37 3.60
N SER B 245 -10.90 -10.61 3.94
CA SER B 245 -10.95 -11.65 2.93
C SER B 245 -11.81 -12.80 3.41
N ASP B 246 -11.48 -14.03 3.00
CA ASP B 246 -12.31 -15.20 3.30
C ASP B 246 -12.05 -15.74 4.71
N PRO B 247 -13.10 -15.76 5.55
CA PRO B 247 -12.93 -16.27 6.92
C PRO B 247 -12.47 -17.73 6.96
N ASP B 248 -12.74 -18.48 5.88
CA ASP B 248 -12.26 -19.86 5.78
C ASP B 248 -10.73 -19.96 5.76
N ASN B 249 -10.04 -18.90 5.33
CA ASN B 249 -8.58 -18.88 5.38
C ASN B 249 -8.05 -19.21 6.80
N ASP B 250 -8.71 -18.73 7.83
CA ASP B 250 -8.22 -18.92 9.21
C ASP B 250 -8.41 -20.35 9.75
N PHE B 251 -9.27 -21.15 9.11
CA PHE B 251 -9.40 -22.58 9.46
C PHE B 251 -8.44 -23.46 8.66
N ILE B 252 -8.34 -23.23 7.36
CA ILE B 252 -7.46 -24.03 6.51
C ILE B 252 -5.97 -23.90 6.87
N SER B 253 -5.54 -22.73 7.33
CA SER B 253 -4.18 -22.55 7.82
C SER B 253 -3.83 -23.45 9.03
N LEU B 254 -4.83 -23.97 9.73
CA LEU B 254 -4.54 -24.86 10.86
C LEU B 254 -4.68 -26.34 10.48
N MSE B 255 -5.08 -26.60 9.24
CA MSE B 255 -5.42 -27.96 8.87
C MSE B 255 -4.27 -28.84 8.44
O MSE B 255 -4.40 -30.07 8.44
CB MSE B 255 -6.48 -27.96 7.78
CG MSE B 255 -7.86 -27.71 8.30
SE MSE B 255 -9.11 -27.81 6.86
CE MSE B 255 -10.66 -27.20 7.79
N GLU B 256 -3.15 -28.22 8.09
CA GLU B 256 -1.99 -28.94 7.60
C GLU B 256 -1.56 -30.00 8.60
N ASP B 257 -1.32 -31.22 8.10
CA ASP B 257 -0.91 -32.33 8.94
C ASP B 257 0.56 -32.23 9.36
N ASP B 258 1.42 -31.86 8.42
CA ASP B 258 2.85 -31.77 8.69
C ASP B 258 3.17 -30.76 9.77
N GLU B 259 2.83 -29.50 9.51
CA GLU B 259 3.25 -28.41 10.39
C GLU B 259 2.17 -27.89 11.34
N GLU B 260 0.91 -28.28 11.14
CA GLU B 260 -0.17 -27.73 11.95
C GLU B 260 -0.98 -28.77 12.74
N TYR B 261 -2.23 -28.45 13.01
CA TYR B 261 -3.05 -29.25 13.92
C TYR B 261 -3.74 -30.45 13.26
N GLY B 262 -4.08 -30.34 11.98
CA GLY B 262 -4.78 -31.41 11.30
C GLY B 262 -6.28 -31.22 11.35
N MSE B 263 -6.97 -31.90 10.44
CA MSE B 263 -8.41 -31.67 10.26
C MSE B 263 -9.27 -32.04 11.45
O MSE B 263 -10.29 -31.43 11.70
CB MSE B 263 -8.90 -32.38 9.00
CG MSE B 263 -8.66 -31.58 7.73
SE MSE B 263 -9.02 -32.66 6.14
CE MSE B 263 -7.42 -33.76 6.13
N GLU B 264 -8.84 -33.06 12.19
CA GLU B 264 -9.58 -33.54 13.35
C GLU B 264 -9.75 -32.45 14.42
N PHE B 265 -8.65 -31.84 14.82
CA PHE B 265 -8.71 -30.78 15.81
C PHE B 265 -9.44 -29.59 15.25
N VAL B 266 -9.21 -29.30 13.97
CA VAL B 266 -9.77 -28.13 13.36
C VAL B 266 -11.29 -28.26 13.29
N SER B 267 -11.75 -29.50 13.09
CA SER B 267 -13.18 -29.73 13.00
C SER B 267 -13.88 -29.44 14.32
N LYS B 268 -13.17 -29.58 15.44
CA LYS B 268 -13.67 -29.16 16.74
C LYS B 268 -13.93 -27.64 16.76
N ILE B 269 -12.94 -26.88 16.29
CA ILE B 269 -13.03 -25.44 16.17
C ILE B 269 -14.30 -25.10 15.36
N LEU B 270 -14.41 -25.72 14.19
CA LEU B 270 -15.53 -25.45 13.28
C LEU B 270 -16.90 -25.68 13.94
N ASN B 271 -17.04 -26.74 14.75
CA ASN B 271 -18.30 -26.93 15.48
C ASN B 271 -18.59 -25.79 16.46
N HIS B 272 -17.62 -25.46 17.31
CA HIS B 272 -17.77 -24.33 18.22
C HIS B 272 -18.02 -23.02 17.49
N TYR B 273 -17.40 -22.87 16.33
CA TYR B 273 -17.59 -21.71 15.46
C TYR B 273 -19.00 -21.68 14.87
N LYS B 274 -19.64 -22.84 14.81
CA LYS B 274 -20.96 -23.03 14.17
C LYS B 274 -20.86 -22.90 12.65
N HIS B 275 -19.78 -23.41 12.08
CA HIS B 275 -19.61 -23.37 10.63
C HIS B 275 -20.74 -24.17 9.98
N LYS B 276 -21.29 -23.64 8.88
CA LYS B 276 -22.45 -24.24 8.23
C LYS B 276 -22.10 -25.07 6.99
N ASP B 277 -20.88 -24.88 6.49
CA ASP B 277 -20.48 -25.53 5.25
C ASP B 277 -19.06 -26.05 5.33
N ILE B 278 -18.86 -27.09 6.13
CA ILE B 278 -17.54 -27.70 6.31
C ILE B 278 -16.90 -28.32 5.06
N PRO B 279 -17.68 -29.03 4.21
CA PRO B 279 -17.07 -29.52 2.97
C PRO B 279 -16.40 -28.42 2.16
N THR B 280 -17.00 -27.22 2.17
CA THR B 280 -16.43 -26.11 1.42
C THR B 280 -15.05 -25.73 1.98
N VAL B 281 -14.91 -25.80 3.30
CA VAL B 281 -13.64 -25.50 3.94
C VAL B 281 -12.58 -26.51 3.46
N LEU B 282 -12.99 -27.77 3.36
CA LEU B 282 -12.10 -28.85 2.93
C LEU B 282 -11.63 -28.67 1.48
N GLU B 283 -12.54 -28.25 0.62
CA GLU B 283 -12.19 -28.03 -0.78
C GLU B 283 -11.21 -26.88 -0.94
N LYS B 284 -11.42 -25.81 -0.16
CA LYS B 284 -10.53 -24.66 -0.18
C LYS B 284 -9.15 -25.09 0.32
N TYR B 285 -9.13 -25.88 1.40
CA TYR B 285 -7.89 -26.46 1.90
C TYR B 285 -7.16 -27.29 0.83
N ARG B 286 -7.91 -28.12 0.14
CA ARG B 286 -7.34 -28.96 -0.93
C ARG B 286 -6.70 -28.11 -2.04
N MSE B 287 -7.44 -27.10 -2.50
CA MSE B 287 -6.92 -26.24 -3.55
C MSE B 287 -5.70 -25.45 -3.07
O MSE B 287 -4.71 -25.34 -3.77
CB MSE B 287 -8.01 -25.29 -4.09
CG MSE B 287 -7.62 -24.56 -5.39
SE MSE B 287 -6.55 -23.01 -5.03
CE MSE B 287 -7.93 -21.93 -4.16
N LYS B 288 -5.77 -24.93 -1.85
CA LYS B 288 -4.66 -24.20 -1.27
C LYS B 288 -3.37 -25.05 -1.24
N GLU B 289 -3.49 -26.32 -0.86
CA GLU B 289 -2.30 -27.16 -0.77
C GLU B 289 -1.66 -27.41 -2.15
N LYS B 290 -2.47 -27.53 -3.19
CA LYS B 290 -1.92 -27.67 -4.53
C LYS B 290 -1.30 -26.33 -4.94
N TYR B 291 -1.98 -25.25 -4.60
CA TYR B 291 -1.58 -23.93 -5.06
C TYR B 291 -0.23 -23.50 -4.52
N TRP B 292 0.27 -24.26 -3.54
CA TRP B 292 1.48 -23.90 -2.83
C TRP B 292 2.70 -23.74 -3.75
N SER B 293 2.82 -24.62 -4.74
CA SER B 293 3.92 -24.54 -5.71
C SER B 293 3.98 -23.19 -6.40
N PHE B 294 2.81 -22.68 -6.79
CA PHE B 294 2.74 -21.39 -7.45
C PHE B 294 3.07 -20.25 -6.46
N GLU B 295 2.62 -20.39 -5.22
CA GLU B 295 2.96 -19.40 -4.19
C GLU B 295 4.48 -19.31 -3.98
N LYS B 296 5.13 -20.46 -3.93
CA LYS B 296 6.58 -20.51 -3.76
C LYS B 296 7.33 -19.79 -4.89
N ILE B 297 6.84 -19.93 -6.12
CA ILE B 297 7.47 -19.25 -7.24
C ILE B 297 7.25 -17.75 -7.11
N ILE B 298 6.02 -17.36 -6.78
CA ILE B 298 5.63 -15.95 -6.72
C ILE B 298 6.16 -15.26 -5.46
N TYR B 299 5.84 -15.83 -4.31
CA TYR B 299 6.38 -15.34 -3.04
C TYR B 299 7.90 -15.44 -3.10
N GLY B 300 8.40 -16.42 -3.85
CA GLY B 300 9.82 -16.61 -4.01
C GLY B 300 10.57 -15.48 -4.69
N LYS B 301 10.64 -15.54 -6.02
CA LYS B 301 11.39 -14.59 -6.86
C LYS B 301 11.18 -13.14 -6.42
N GLU B 302 10.00 -12.89 -5.87
CA GLU B 302 9.69 -11.62 -5.24
C GLU B 302 10.73 -11.28 -4.18
N TYR B 303 10.70 -12.02 -3.07
CA TYR B 303 11.60 -11.78 -1.95
C TYR B 303 13.01 -12.28 -2.28
N GLY B 304 13.32 -12.42 -3.57
CA GLY B 304 14.65 -12.83 -4.01
C GLY B 304 15.04 -14.24 -3.61
N TYR B 305 14.17 -14.93 -2.89
CA TYR B 305 14.44 -16.28 -2.42
C TYR B 305 14.55 -17.28 -3.56
N MSE B 306 15.73 -17.44 -4.14
CA MSE B 306 15.94 -18.40 -5.23
C MSE B 306 15.53 -19.81 -4.84
O MSE B 306 15.15 -20.62 -5.70
CB MSE B 306 17.39 -18.40 -5.69
CG MSE B 306 17.82 -17.17 -6.45
SE MSE B 306 19.66 -17.34 -7.01
CE MSE B 306 20.42 -17.82 -5.28
N ASP B 307 15.59 -20.12 -3.55
CA ASP B 307 15.24 -21.44 -3.05
C ASP B 307 13.79 -21.80 -3.35
N TRP B 308 12.86 -21.07 -2.73
CA TRP B 308 11.43 -21.31 -2.95
C TRP B 308 11.05 -21.22 -4.43
N TYR B 309 11.81 -20.40 -5.17
CA TYR B 309 11.64 -20.29 -6.61
C TYR B 309 11.91 -21.61 -7.32
N GLU B 310 13.14 -22.08 -7.21
CA GLU B 310 13.58 -23.27 -7.95
C GLU B 310 12.76 -24.49 -7.62
N GLU B 311 12.41 -24.63 -6.34
CA GLU B 311 11.54 -25.72 -5.90
C GLU B 311 10.21 -25.61 -6.62
N GLY B 312 9.58 -24.44 -6.49
CA GLY B 312 8.32 -24.17 -7.16
C GLY B 312 8.40 -24.38 -8.67
N LEU B 313 9.47 -23.89 -9.28
CA LEU B 313 9.67 -24.03 -10.72
C LEU B 313 9.82 -25.51 -11.09
N ASN B 314 10.58 -26.24 -10.28
CA ASN B 314 10.71 -27.68 -10.46
C ASN B 314 9.36 -28.37 -10.35
N GLU B 315 8.66 -28.09 -9.24
CA GLU B 315 7.36 -28.69 -8.95
C GLU B 315 6.35 -28.51 -10.08
N ILE B 316 6.58 -27.51 -10.92
CA ILE B 316 5.69 -27.19 -12.02
C ILE B 316 5.63 -28.34 -13.07
N ARG B 317 6.49 -29.33 -12.92
CA ARG B 317 6.37 -30.54 -13.73
C ARG B 317 5.13 -31.36 -13.32
N SER B 318 5.12 -31.85 -12.09
CA SER B 318 4.08 -32.76 -11.64
C SER B 318 2.81 -32.05 -11.17
N ILE B 319 2.28 -31.18 -12.02
CA ILE B 319 1.01 -30.50 -11.74
C ILE B 319 -0.14 -31.28 -12.35
N LYS B 320 -1.20 -31.47 -11.58
CA LYS B 320 -2.37 -32.22 -12.05
C LYS B 320 -3.59 -31.31 -12.11
C1 KAN C . 3.87 22.95 -3.73
C2 KAN C . 3.05 23.88 -2.80
C3 KAN C . 3.12 25.31 -3.30
C4 KAN C . 4.59 25.72 -3.32
C5 KAN C . 5.35 24.77 -4.25
C6 KAN C . 6.85 25.10 -4.26
C7 KAN C . 3.23 20.16 -8.32
C8 KAN C . 4.16 19.82 -7.14
C9 KAN C . 3.66 20.65 -5.93
C10 KAN C . 3.73 22.19 -6.17
C11 KAN C . 2.83 22.50 -7.36
C12 KAN C . 3.28 21.67 -8.56
C13 KAN C . 5.24 17.73 -6.40
C14 KAN C . 5.08 16.26 -6.83
C15 KAN C . 3.85 15.61 -6.26
C16 KAN C . 3.98 15.66 -4.75
C17 KAN C . 4.08 17.14 -4.35
C18 KAN C . 4.27 17.20 -2.86
N1 KAN C . 7.52 24.16 -5.17
N2 KAN C . 2.94 23.92 -7.70
N3 KAN C . 3.60 19.37 -9.52
N4 KAN C . 3.79 14.22 -6.74
O5 KAN C . 5.23 23.41 -3.77
O6 KAN C . 1.71 23.41 -2.74
O7 KAN C . 2.40 26.18 -2.43
O8 KAN C . 4.70 27.06 -3.78
O9 KAN C . 3.27 23.00 -5.04
O10 KAN C . 4.47 20.30 -4.81
O11 KAN C . 4.10 18.39 -6.97
O12 KAN C . 5.25 17.77 -4.97
O13 KAN C . 5.06 16.25 -8.26
O14 KAN C . 2.87 15.04 -4.10
O15 KAN C . 4.37 18.57 -2.50
C1 QUE D . 4.06 9.81 -19.29
C2 QUE D . 4.16 10.26 -20.60
C3 QUE D . 4.94 11.39 -20.89
C4 QUE D . 5.47 12.11 -19.83
C5 QUE D . 5.44 11.63 -18.53
C6 QUE D . 4.70 10.50 -18.26
C9 QUE D . 5.01 11.90 -22.19
C10 QUE D . 5.60 13.13 -22.47
C11 QUE D . 6.09 13.84 -21.38
C14 QUE D . 6.67 15.10 -21.30
C15 QUE D . 7.02 15.60 -20.05
C16 QUE D . 7.64 16.84 -19.91
C17 QUE D . 7.95 17.59 -21.05
C18 QUE D . 7.64 17.08 -22.31
C19 QUE D . 7.01 15.84 -22.45
O12 QUE D . 6.22 13.11 -20.26
O13 QUE D . 4.52 11.25 -23.10
O23 QUE D . 7.95 17.81 -23.43
O24 QUE D . 8.56 18.80 -20.95
O27 QUE D . 5.63 13.61 -23.74
O29 QUE D . 4.56 10.05 -16.97
O30 QUE D . 3.54 9.58 -21.60
CL CL E . 9.22 -9.30 -25.87
C1 QUE F . 6.30 -3.69 -2.51
C1 QUE F . 6.28 3.62 2.06
C2 QUE F . 5.15 -3.09 -2.02
C2 QUE F . 5.12 2.99 1.63
C3 QUE F . 5.25 -2.01 -1.16
C3 QUE F . 5.22 1.89 0.77
C4 QUE F . 6.50 -1.45 -0.93
C4 QUE F . 6.47 1.34 0.51
C5 QUE F . 7.65 -2.06 -1.36
C5 QUE F . 7.64 2.00 0.89
C6 QUE F . 7.56 -3.18 -2.20
C6 QUE F . 7.53 3.12 1.71
C9 QUE F . 4.08 -1.37 -0.72
C9 QUE F . 4.05 1.22 0.40
C10 QUE F . 4.13 -0.14 -0.03
C10 QUE F . 4.10 -0.01 -0.27
C11 QUE F . 5.41 0.40 0.15
C11 QUE F . 5.36 -0.53 -0.51
C14 QUE F . 5.78 1.61 0.72
C14 QUE F . 5.70 -1.77 -1.08
C15 QUE F . 4.87 2.58 1.15
C15 QUE F . 4.73 -2.72 -1.42
C16 QUE F . 5.34 3.75 1.74
C16 QUE F . 5.09 -3.90 -2.04
C17 QUE F . 6.70 3.94 1.95
C17 QUE F . 6.42 -4.11 -2.39
C18 QUE F . 7.60 2.95 1.56
C18 QUE F . 7.38 -3.15 -2.12
C19 QUE F . 7.15 1.79 0.96
C19 QUE F . 7.02 -1.96 -1.48
O12 QUE F . 6.44 -0.46 -0.05
O12 QUE F . 6.39 0.34 -0.35
O13 QUE F . 2.99 -1.90 -0.95
O13 QUE F . 2.96 1.73 0.66
O23 QUE F . 8.93 3.12 1.76
O23 QUE F . 8.67 -3.36 -2.46
O24 QUE F . 7.15 5.08 2.55
O24 QUE F . 6.79 -5.27 -3.01
O27 QUE F . 2.98 0.47 0.35
O27 QUE F . 2.93 -0.64 -0.59
O29 QUE F . 8.68 -3.77 -2.69
O29 QUE F . 8.65 3.76 2.15
O30 QUE F . 3.92 -3.59 -2.34
O30 QUE F . 3.89 3.46 1.97
C1 KAN G . 3.41 -23.19 4.02
C2 KAN G . 2.58 -24.18 3.20
C3 KAN G . 2.62 -25.56 3.85
C4 KAN G . 4.08 -25.99 3.90
C5 KAN G . 4.87 -24.97 4.71
C6 KAN G . 6.32 -25.46 4.72
C7 KAN G . 2.82 -20.11 8.48
C8 KAN G . 3.72 -19.81 7.28
C9 KAN G . 3.21 -20.70 6.11
C10 KAN G . 3.30 -22.23 6.41
C11 KAN G . 2.40 -22.49 7.62
C12 KAN G . 2.87 -21.61 8.77
C13 KAN G . 4.83 -17.79 6.43
C14 KAN G . 4.79 -16.29 6.74
C15 KAN G . 3.58 -15.60 6.14
C16 KAN G . 3.69 -15.79 4.64
C17 KAN G . 3.69 -17.28 4.34
C18 KAN G . 3.96 -17.47 2.85
N1 KAN G . 7.18 -24.55 5.50
N2 KAN G . 2.49 -23.91 8.03
N3 KAN G . 3.31 -19.35 9.64
N4 KAN G . 3.62 -14.17 6.50
O5 KAN G . 4.78 -23.66 4.10
O6 KAN G . 1.23 -23.70 3.12
O7 KAN G . 1.85 -26.50 3.09
O8 KAN G . 4.15 -27.28 4.51
O9 KAN G . 2.81 -23.11 5.33
O10 KAN G . 3.92 -20.38 4.92
O11 KAN G . 3.66 -18.37 7.05
O12 KAN G . 4.80 -17.92 4.99
O13 KAN G . 4.81 -16.17 8.16
O14 KAN G . 2.60 -15.14 3.99
O15 KAN G . 4.03 -18.87 2.56
C1 QUE H . 4.12 -9.01 19.42
C2 QUE H . 4.14 -9.72 20.61
C3 QUE H . 4.96 -10.82 20.74
C4 QUE H . 5.62 -11.29 19.61
C5 QUE H . 5.65 -10.57 18.42
C6 QUE H . 4.87 -9.43 18.34
C9 QUE H . 4.91 -11.57 21.91
C10 QUE H . 5.52 -12.81 22.00
C11 QUE H . 6.12 -13.29 20.84
C14 QUE H . 6.71 -14.53 20.60
C15 QUE H . 7.31 -14.77 19.38
C16 QUE H . 7.89 -16.01 19.14
C17 QUE H . 7.83 -17.01 20.10
C18 QUE H . 7.21 -16.76 21.32
C19 QUE H . 6.64 -15.52 21.58
O12 QUE H . 6.36 -12.35 19.90
O13 QUE H . 4.33 -11.11 22.88
O23 QUE H . 7.17 -17.73 22.28
O24 QUE H . 8.40 -18.23 19.86
O27 QUE H . 5.40 -13.51 23.15
O29 QUE H . 4.78 -8.68 17.21
O30 QUE H . 3.40 -9.29 21.66
CL CL I . -13.52 -35.37 23.01
#